data_6IOW
#
_entry.id   6IOW
#
_cell.length_a   44.355
_cell.length_b   69.066
_cell.length_c   201.947
_cell.angle_alpha   90.00
_cell.angle_beta   90.00
_cell.angle_gamma   90.00
#
_symmetry.space_group_name_H-M   'P 21 21 21'
#
loop_
_entity.id
_entity.type
_entity.pdbx_description
1 polymer Phosphotransacetylase
2 water water
#
_entity_poly.entity_id   1
_entity_poly.type   'polypeptide(L)'
_entity_poly.pdbx_seq_one_letter_code
;GPLGSDLIQDVIRRAQENKQRIVLPEGLEPRTLEAADRLMADKVVNIILIGNVDSVKAKVAELGLKNLDEAVIIDPNNHP
KKQQYTDLLLQIRQKKGLTPEKAAELVENPLYLGCLIVKSGDADGLIAGAQNTTGDVLRPALQVIKTAPGMTSVSGTFLL
FTKAKEYGKDGLLLVADCAVIPNPTADELAQIAVATARTAKAIADIEPRVAMLSFSTKGSAKHEMTDKVVEATRMAQEMA
PDLLIDGEMQADAALVERVAALKAPGSNVAGKANVLVFPTLEVGNIAYKLVERLGHAEAVGPILQGMAAPVNDLSRGCSV
EDIYRMVAITANQAIAAKEQ
;
_entity_poly.pdbx_strand_id   A,B
#
# COMPACT_ATOMS: atom_id res chain seq x y z
N GLY A 1 -20.29 -4.15 8.74
CA GLY A 1 -20.67 -5.15 7.71
C GLY A 1 -20.51 -6.58 8.20
N PRO A 2 -20.84 -7.60 7.37
CA PRO A 2 -20.76 -9.00 7.77
C PRO A 2 -19.37 -9.45 8.24
N LEU A 3 -18.31 -8.93 7.59
CA LEU A 3 -16.94 -9.28 7.92
C LEU A 3 -16.61 -8.82 9.35
N GLY A 4 -17.01 -7.61 9.72
CA GLY A 4 -16.60 -7.02 10.99
C GLY A 4 -17.42 -7.53 12.17
N SER A 5 -18.58 -8.15 11.91
CA SER A 5 -19.69 -8.15 12.89
C SER A 5 -19.37 -8.99 14.15
N ASP A 6 -18.67 -10.12 14.00
CA ASP A 6 -18.40 -10.99 15.15
C ASP A 6 -17.41 -10.30 16.11
N LEU A 7 -16.34 -9.72 15.56
CA LEU A 7 -15.36 -9.05 16.42
C LEU A 7 -15.98 -7.84 17.11
N ILE A 8 -16.80 -7.11 16.36
CA ILE A 8 -17.49 -5.92 16.87
C ILE A 8 -18.43 -6.33 18.01
N GLN A 9 -19.12 -7.47 17.90
CA GLN A 9 -19.95 -7.96 19.02
C GLN A 9 -19.09 -8.23 20.25
N ASP A 10 -17.87 -8.76 20.05
CA ASP A 10 -16.95 -9.04 21.15
C ASP A 10 -16.50 -7.74 21.84
N VAL A 11 -16.23 -6.71 21.02
CA VAL A 11 -15.85 -5.37 21.52
C VAL A 11 -16.98 -4.83 22.40
N ILE A 12 -18.21 -4.93 21.92
CA ILE A 12 -19.38 -4.44 22.65
C ILE A 12 -19.51 -5.19 23.99
N ARG A 13 -19.41 -6.52 23.95
CA ARG A 13 -19.54 -7.34 25.16
C ARG A 13 -18.48 -6.94 26.20
N ARG A 14 -17.24 -6.77 25.74
CA ARG A 14 -16.15 -6.42 26.64
C ARG A 14 -16.41 -5.06 27.30
N ALA A 15 -17.00 -4.12 26.54
CA ALA A 15 -17.40 -2.81 27.07
C ALA A 15 -18.49 -2.98 28.14
N GLN A 16 -19.50 -3.81 27.84
CA GLN A 16 -20.63 -4.04 28.74
C GLN A 16 -20.15 -4.62 30.08
N GLU A 17 -19.14 -5.49 30.02
CA GLU A 17 -18.66 -6.23 31.20
C GLU A 17 -17.81 -5.34 32.11
N ASN A 18 -17.33 -4.20 31.59
CA ASN A 18 -16.51 -3.27 32.36
C ASN A 18 -16.84 -1.83 31.94
N LYS A 19 -17.95 -1.31 32.46
CA LYS A 19 -18.57 -0.09 31.92
C LYS A 19 -17.67 1.11 32.19
N GLN A 20 -17.38 1.86 31.12
CA GLN A 20 -16.56 3.06 31.17
C GLN A 20 -17.46 4.29 30.96
N ARG A 21 -16.94 5.44 31.41
CA ARG A 21 -17.58 6.74 31.22
C ARG A 21 -17.02 7.40 29.95
N ILE A 22 -17.88 7.63 28.96
CA ILE A 22 -17.48 8.23 27.68
C ILE A 22 -18.20 9.57 27.53
N VAL A 23 -17.40 10.63 27.32
CA VAL A 23 -17.90 11.98 27.09
C VAL A 23 -18.19 12.16 25.60
N LEU A 24 -19.37 12.71 25.31
CA LEU A 24 -19.78 13.14 23.99
C LEU A 24 -19.97 14.65 24.01
N PRO A 25 -18.91 15.44 23.66
CA PRO A 25 -19.03 16.90 23.63
C PRO A 25 -20.13 17.43 22.69
N GLU A 26 -20.47 16.67 21.64
CA GLU A 26 -21.49 17.07 20.68
C GLU A 26 -22.86 16.59 21.16
N GLY A 27 -23.28 17.09 22.33
CA GLY A 27 -24.44 16.57 23.05
C GLY A 27 -25.77 16.90 22.42
N LEU A 28 -25.80 17.77 21.40
CA LEU A 28 -27.03 18.12 20.70
C LEU A 28 -27.07 17.55 19.26
N GLU A 29 -26.01 16.86 18.83
CA GLU A 29 -25.92 16.38 17.44
C GLU A 29 -26.84 15.16 17.31
N PRO A 30 -27.79 15.15 16.36
CA PRO A 30 -28.80 14.09 16.32
C PRO A 30 -28.27 12.65 16.18
N ARG A 31 -27.29 12.41 15.30
CA ARG A 31 -26.77 11.03 15.11
C ARG A 31 -26.11 10.55 16.41
N THR A 32 -25.39 11.45 17.06
CA THR A 32 -24.74 11.20 18.35
C THR A 32 -25.78 10.83 19.40
N LEU A 33 -26.91 11.54 19.42
CA LEU A 33 -27.96 11.26 20.41
C LEU A 33 -28.63 9.92 20.10
N GLU A 34 -28.84 9.60 18.82
CA GLU A 34 -29.39 8.31 18.42
C GLU A 34 -28.44 7.19 18.89
N ALA A 35 -27.14 7.38 18.66
CA ALA A 35 -26.13 6.42 19.08
C ALA A 35 -26.12 6.27 20.61
N ALA A 36 -26.12 7.40 21.32
CA ALA A 36 -26.08 7.41 22.78
C ALA A 36 -27.30 6.67 23.35
N ASP A 37 -28.46 6.86 22.72
CA ASP A 37 -29.70 6.21 23.13
C ASP A 37 -29.53 4.69 23.07
N ARG A 38 -28.98 4.17 21.97
CA ARG A 38 -28.81 2.73 21.82
C ARG A 38 -27.72 2.22 22.75
N LEU A 39 -26.64 3.00 22.92
CA LEU A 39 -25.54 2.62 23.80
C LEU A 39 -26.04 2.49 25.25
N MET A 40 -26.91 3.40 25.68
CA MET A 40 -27.42 3.41 27.05
C MET A 40 -28.45 2.28 27.22
N ALA A 41 -29.28 2.06 26.20
CA ALA A 41 -30.25 0.94 26.21
C ALA A 41 -29.51 -0.40 26.37
N ASP A 42 -28.35 -0.52 25.70
CA ASP A 42 -27.55 -1.74 25.68
C ASP A 42 -26.56 -1.80 26.85
N LYS A 43 -26.49 -0.74 27.66
CA LYS A 43 -25.62 -0.66 28.86
C LYS A 43 -24.15 -0.88 28.47
N VAL A 44 -23.74 -0.25 27.35
CA VAL A 44 -22.40 -0.42 26.80
C VAL A 44 -21.40 0.48 27.54
N VAL A 45 -21.85 1.72 27.82
CA VAL A 45 -21.05 2.74 28.50
C VAL A 45 -21.99 3.60 29.33
N ASN A 46 -21.39 4.38 30.23
CA ASN A 46 -22.05 5.50 30.89
C ASN A 46 -21.77 6.76 30.08
N ILE A 47 -22.82 7.38 29.53
CA ILE A 47 -22.69 8.52 28.62
C ILE A 47 -22.71 9.82 29.44
N ILE A 48 -21.80 10.73 29.09
CA ILE A 48 -21.83 12.11 29.54
C ILE A 48 -22.03 13.00 28.30
N LEU A 49 -23.16 13.72 28.26
CA LEU A 49 -23.44 14.64 27.16
C LEU A 49 -23.05 16.06 27.60
N ILE A 50 -22.47 16.83 26.69
CA ILE A 50 -22.16 18.23 26.97
C ILE A 50 -23.13 19.13 26.23
N GLY A 51 -23.75 20.04 26.99
CA GLY A 51 -24.66 21.03 26.48
C GLY A 51 -25.51 21.62 27.59
N ASN A 52 -26.18 22.73 27.29
CA ASN A 52 -27.20 23.29 28.18
C ASN A 52 -28.21 22.18 28.50
N VAL A 53 -28.51 21.97 29.79
CA VAL A 53 -29.30 20.81 30.22
C VAL A 53 -30.69 20.87 29.59
N ASP A 54 -31.34 22.05 29.65
CA ASP A 54 -32.70 22.20 29.11
C ASP A 54 -32.67 22.01 27.58
N SER A 55 -31.62 22.51 26.91
CA SER A 55 -31.48 22.35 25.45
C SER A 55 -31.35 20.87 25.07
N VAL A 56 -30.54 20.13 25.83
CA VAL A 56 -30.31 18.72 25.54
C VAL A 56 -31.60 17.93 25.80
N LYS A 57 -32.24 18.16 26.95
CA LYS A 57 -33.49 17.50 27.29
C LYS A 57 -34.55 17.76 26.20
N ALA A 58 -34.61 19.01 25.72
CA ALA A 58 -35.59 19.40 24.67
C ALA A 58 -35.30 18.62 23.38
N LYS A 59 -34.02 18.51 23.03
CA LYS A 59 -33.59 17.80 21.82
C LYS A 59 -33.96 16.32 21.92
N VAL A 60 -33.69 15.71 23.08
CA VAL A 60 -34.03 14.30 23.33
C VAL A 60 -35.54 14.10 23.15
N ALA A 61 -36.33 15.01 23.70
CA ALA A 61 -37.79 14.96 23.61
C ALA A 61 -38.24 15.16 22.15
N GLU A 62 -37.60 16.10 21.45
CA GLU A 62 -37.92 16.38 20.04
C GLU A 62 -37.69 15.12 19.19
N LEU A 63 -36.60 14.41 19.46
CA LEU A 63 -36.22 13.22 18.67
C LEU A 63 -37.00 11.98 19.15
N GLY A 64 -37.65 12.09 20.31
CA GLY A 64 -38.48 11.02 20.88
C GLY A 64 -37.68 9.85 21.43
N LEU A 65 -36.45 10.13 21.91
CA LEU A 65 -35.55 9.11 22.45
C LEU A 65 -35.91 8.83 23.92
N LYS A 66 -35.91 7.54 24.30
CA LYS A 66 -36.50 7.11 25.57
C LYS A 66 -35.46 6.52 26.54
N ASN A 67 -34.19 6.39 26.14
CA ASN A 67 -33.18 5.70 26.96
C ASN A 67 -32.13 6.66 27.53
N LEU A 68 -32.39 7.97 27.48
CA LEU A 68 -31.37 8.97 27.83
C LEU A 68 -31.75 9.77 29.08
N ASP A 69 -32.80 9.37 29.79
CA ASP A 69 -33.30 10.16 30.93
C ASP A 69 -32.24 10.20 32.04
N GLU A 70 -31.45 9.14 32.17
CA GLU A 70 -30.44 9.01 33.26
C GLU A 70 -29.04 9.36 32.75
N ALA A 71 -28.93 9.84 31.51
CA ALA A 71 -27.64 10.29 30.96
C ALA A 71 -27.19 11.52 31.77
N VAL A 72 -25.90 11.60 32.07
CA VAL A 72 -25.34 12.78 32.70
C VAL A 72 -25.23 13.88 31.63
N ILE A 73 -25.73 15.07 31.94
CA ILE A 73 -25.61 16.23 31.07
C ILE A 73 -24.87 17.32 31.85
N ILE A 74 -23.81 17.87 31.22
CA ILE A 74 -23.02 18.92 31.85
C ILE A 74 -23.06 20.17 30.95
N ASP A 75 -23.48 21.28 31.54
CA ASP A 75 -23.53 22.56 30.87
C ASP A 75 -22.18 23.25 31.01
N PRO A 76 -21.43 23.51 29.91
CA PRO A 76 -20.12 24.15 30.02
C PRO A 76 -20.14 25.55 30.64
N ASN A 77 -21.31 26.22 30.58
CA ASN A 77 -21.43 27.58 31.09
C ASN A 77 -21.64 27.58 32.60
N ASN A 78 -22.14 26.47 33.16
CA ASN A 78 -22.58 26.43 34.56
C ASN A 78 -22.50 24.99 35.09
N HIS A 79 -21.42 24.70 35.81
CA HIS A 79 -21.26 23.41 36.50
C HIS A 79 -20.29 23.58 37.65
N PRO A 80 -20.40 22.78 38.72
CA PRO A 80 -19.63 23.02 39.93
C PRO A 80 -18.10 22.86 39.87
N LYS A 81 -17.58 22.20 38.83
CA LYS A 81 -16.14 21.97 38.70
C LYS A 81 -15.50 22.95 37.70
N LYS A 82 -16.22 24.02 37.32
CA LYS A 82 -15.77 24.89 36.24
C LYS A 82 -14.43 25.53 36.61
N GLN A 83 -14.32 26.04 37.85
CA GLN A 83 -13.10 26.70 38.28
C GLN A 83 -11.94 25.70 38.36
N GLN A 84 -12.22 24.52 38.91
CA GLN A 84 -11.21 23.48 39.07
C GLN A 84 -10.63 23.11 37.71
N TYR A 85 -11.52 22.90 36.72
CA TYR A 85 -11.10 22.54 35.38
C TYR A 85 -10.34 23.68 34.69
N THR A 86 -10.77 24.92 34.92
CA THR A 86 -10.10 26.09 34.37
C THR A 86 -8.65 26.11 34.87
N ASP A 87 -8.49 25.89 36.18
CA ASP A 87 -7.18 25.93 36.83
C ASP A 87 -6.30 24.77 36.36
N LEU A 88 -6.91 23.59 36.12
CA LEU A 88 -6.17 22.46 35.56
C LEU A 88 -5.63 22.82 34.18
N LEU A 89 -6.48 23.44 33.33
CA LEU A 89 -6.06 23.81 31.98
C LEU A 89 -4.88 24.79 32.07
N LEU A 90 -4.98 25.74 32.99
CA LEU A 90 -3.91 26.72 33.19
C LEU A 90 -2.62 26.02 33.66
N GLN A 91 -2.75 25.07 34.58
CA GLN A 91 -1.61 24.31 35.08
C GLN A 91 -0.87 23.63 33.92
N ILE A 92 -1.63 23.07 32.97
CA ILE A 92 -1.05 22.33 31.85
C ILE A 92 -0.41 23.27 30.83
N ARG A 93 -1.00 24.45 30.62
CA ARG A 93 -0.69 25.29 29.44
C ARG A 93 -0.09 26.66 29.80
N GLN A 94 -0.03 27.05 31.07
CA GLN A 94 0.45 28.40 31.45
C GLN A 94 1.87 28.64 30.95
N LYS A 95 2.74 27.63 31.07
CA LYS A 95 4.14 27.75 30.60
C LYS A 95 4.23 27.86 29.07
N LYS A 96 3.21 27.34 28.37
CA LYS A 96 3.10 27.43 26.92
C LYS A 96 2.44 28.76 26.50
N GLY A 97 2.13 29.63 27.47
CA GLY A 97 1.68 30.98 27.20
C GLY A 97 0.18 31.19 27.36
N LEU A 98 -0.53 30.20 27.93
CA LEU A 98 -1.95 30.35 28.19
C LEU A 98 -2.15 31.26 29.42
N THR A 99 -2.98 32.30 29.27
CA THR A 99 -3.30 33.21 30.35
C THR A 99 -4.51 32.68 31.11
N PRO A 100 -4.73 33.09 32.39
CA PRO A 100 -5.98 32.79 33.07
C PRO A 100 -7.22 33.21 32.26
N GLU A 101 -7.15 34.38 31.62
CA GLU A 101 -8.27 34.91 30.84
C GLU A 101 -8.65 33.92 29.73
N LYS A 102 -7.66 33.48 28.95
CA LYS A 102 -7.90 32.59 27.82
C LYS A 102 -8.29 31.18 28.31
N ALA A 103 -7.76 30.76 29.46
CA ALA A 103 -8.16 29.48 30.03
C ALA A 103 -9.67 29.50 30.34
N ALA A 104 -10.15 30.64 30.84
CA ALA A 104 -11.55 30.81 31.23
C ALA A 104 -12.45 30.79 29.99
N GLU A 105 -11.91 31.23 28.84
CA GLU A 105 -12.63 31.13 27.56
C GLU A 105 -12.70 29.68 27.11
N LEU A 106 -11.55 28.99 27.12
CA LEU A 106 -11.44 27.64 26.54
C LEU A 106 -12.24 26.63 27.34
N VAL A 107 -12.39 26.81 28.66
CA VAL A 107 -13.08 25.82 29.49
C VAL A 107 -14.56 25.76 29.09
N GLU A 108 -15.07 26.80 28.41
CA GLU A 108 -16.48 26.87 27.97
C GLU A 108 -16.68 26.16 26.62
N ASN A 109 -15.56 25.84 25.95
CA ASN A 109 -15.56 25.10 24.71
C ASN A 109 -15.82 23.62 25.02
N PRO A 110 -16.90 23.00 24.52
CA PRO A 110 -17.20 21.60 24.85
C PRO A 110 -16.07 20.59 24.58
N LEU A 111 -15.25 20.82 23.55
CA LEU A 111 -14.13 19.90 23.25
C LEU A 111 -13.07 20.02 24.34
N TYR A 112 -12.74 21.25 24.75
CA TYR A 112 -11.79 21.44 25.86
C TYR A 112 -12.37 20.90 27.17
N LEU A 113 -13.62 21.22 27.48
CA LEU A 113 -14.26 20.75 28.71
C LEU A 113 -14.21 19.22 28.76
N GLY A 114 -14.59 18.58 27.63
CA GLY A 114 -14.59 17.12 27.53
C GLY A 114 -13.23 16.52 27.89
N CYS A 115 -12.17 17.08 27.33
CA CYS A 115 -10.81 16.61 27.57
C CYS A 115 -10.42 16.85 29.04
N LEU A 116 -10.87 17.96 29.62
CA LEU A 116 -10.56 18.25 31.03
C LEU A 116 -11.31 17.31 31.97
N ILE A 117 -12.51 16.87 31.58
CA ILE A 117 -13.26 15.89 32.36
C ILE A 117 -12.45 14.58 32.39
N VAL A 118 -11.97 14.14 31.23
CA VAL A 118 -11.20 12.90 31.10
C VAL A 118 -9.90 13.03 31.90
N LYS A 119 -9.17 14.12 31.69
CA LYS A 119 -7.86 14.33 32.32
C LYS A 119 -8.00 14.33 33.85
N SER A 120 -9.13 14.83 34.35
CA SER A 120 -9.42 14.92 35.80
C SER A 120 -9.76 13.54 36.38
N GLY A 121 -10.01 12.55 35.52
CA GLY A 121 -10.47 11.24 35.93
C GLY A 121 -11.97 11.21 36.22
N ASP A 122 -12.71 12.20 35.73
CA ASP A 122 -14.17 12.25 35.85
C ASP A 122 -14.84 11.59 34.64
N ALA A 123 -14.02 11.11 33.70
CA ALA A 123 -14.48 10.22 32.63
C ALA A 123 -13.29 9.42 32.12
N ASP A 124 -13.54 8.42 31.27
CA ASP A 124 -12.51 7.45 30.85
C ASP A 124 -12.07 7.67 29.40
N GLY A 125 -12.91 8.36 28.61
CA GLY A 125 -12.63 8.56 27.20
C GLY A 125 -13.62 9.51 26.55
N LEU A 126 -13.36 9.87 25.29
CA LEU A 126 -14.11 10.90 24.59
C LEU A 126 -14.18 10.58 23.10
N ILE A 127 -15.35 10.82 22.49
CA ILE A 127 -15.45 10.80 21.03
C ILE A 127 -16.21 12.05 20.58
N ALA A 128 -15.85 12.54 19.39
CA ALA A 128 -16.45 13.68 18.75
C ALA A 128 -16.04 13.65 17.27
N GLY A 129 -16.48 14.66 16.51
CA GLY A 129 -16.13 14.78 15.10
C GLY A 129 -17.31 14.63 14.16
N ALA A 130 -18.51 14.31 14.66
CA ALA A 130 -19.71 14.28 13.80
C ALA A 130 -20.05 15.69 13.30
N GLN A 131 -19.73 16.73 14.10
CA GLN A 131 -20.01 18.14 13.72
C GLN A 131 -18.83 19.04 14.10
N ASN A 132 -17.62 18.50 14.10
CA ASN A 132 -16.39 19.25 14.35
C ASN A 132 -15.30 18.73 13.41
N THR A 133 -14.35 19.61 13.08
CA THR A 133 -13.19 19.22 12.31
C THR A 133 -12.30 18.31 13.17
N THR A 134 -11.54 17.45 12.49
CA THR A 134 -10.54 16.60 13.10
C THR A 134 -9.57 17.47 13.92
N GLY A 135 -9.11 18.55 13.31
CA GLY A 135 -8.13 19.45 13.92
C GLY A 135 -8.62 19.96 15.27
N ASP A 136 -9.90 20.34 15.32
CA ASP A 136 -10.49 20.93 16.53
C ASP A 136 -10.70 19.87 17.61
N VAL A 137 -10.94 18.61 17.21
CA VAL A 137 -11.06 17.51 18.16
C VAL A 137 -9.69 17.19 18.78
N LEU A 138 -8.67 17.10 17.92
CA LEU A 138 -7.34 16.61 18.31
C LEU A 138 -6.57 17.66 19.11
N ARG A 139 -6.82 18.95 18.85
CA ARG A 139 -6.00 20.01 19.46
C ARG A 139 -6.09 19.93 20.98
N PRO A 140 -7.30 20.02 21.59
CA PRO A 140 -7.41 19.90 23.05
C PRO A 140 -7.00 18.52 23.58
N ALA A 141 -7.22 17.46 22.77
CA ALA A 141 -6.82 16.12 23.16
C ALA A 141 -5.30 16.06 23.42
N LEU A 142 -4.53 16.57 22.45
CA LEU A 142 -3.06 16.52 22.54
C LEU A 142 -2.54 17.54 23.58
N GLN A 143 -3.28 18.62 23.79
CA GLN A 143 -2.85 19.69 24.70
C GLN A 143 -3.10 19.26 26.16
N VAL A 144 -4.24 18.61 26.42
CA VAL A 144 -4.74 18.41 27.78
C VAL A 144 -4.47 16.98 28.25
N ILE A 145 -4.86 15.98 27.43
CA ILE A 145 -4.73 14.58 27.83
C ILE A 145 -3.32 14.10 27.53
N LYS A 146 -2.81 14.44 26.34
CA LYS A 146 -1.43 14.14 25.89
C LYS A 146 -1.23 12.64 25.65
N THR A 147 0.03 12.26 25.37
CA THR A 147 0.40 10.93 24.93
C THR A 147 0.66 10.01 26.12
N ALA A 148 0.57 8.69 25.88
CA ALA A 148 0.77 7.66 26.88
C ALA A 148 2.25 7.56 27.24
N PRO A 149 2.63 6.88 28.35
CA PRO A 149 4.04 6.66 28.66
C PRO A 149 4.83 6.04 27.49
N GLY A 150 5.96 6.66 27.16
CA GLY A 150 6.85 6.17 26.10
C GLY A 150 6.46 6.65 24.71
N MET A 151 5.31 7.31 24.60
CA MET A 151 4.81 7.84 23.32
C MET A 151 4.97 9.36 23.36
N THR A 152 5.44 9.93 22.25
CA THR A 152 5.52 11.36 22.03
C THR A 152 4.79 11.72 20.73
N SER A 153 3.94 10.80 20.25
CA SER A 153 3.22 10.96 18.99
C SER A 153 2.00 10.03 18.99
N VAL A 154 1.01 10.33 18.12
CA VAL A 154 -0.20 9.52 17.96
C VAL A 154 -0.29 9.13 16.48
N SER A 155 -1.11 8.10 16.22
CA SER A 155 -1.27 7.57 14.88
C SER A 155 -2.69 7.04 14.74
N GLY A 156 -3.05 6.71 13.49
CA GLY A 156 -4.36 6.18 13.16
C GLY A 156 -4.24 4.78 12.59
N THR A 157 -4.99 3.85 13.20
CA THR A 157 -4.99 2.47 12.74
C THR A 157 -6.40 2.11 12.25
N PHE A 158 -6.46 1.17 11.30
CA PHE A 158 -7.71 0.60 10.85
C PHE A 158 -7.75 -0.89 11.21
N LEU A 159 -8.92 -1.33 11.68
CA LEU A 159 -9.30 -2.73 11.60
C LEU A 159 -9.64 -3.02 10.14
N LEU A 160 -8.82 -3.85 9.48
CA LEU A 160 -9.02 -4.21 8.10
C LEU A 160 -9.52 -5.65 8.08
N PHE A 161 -10.85 -5.79 7.94
CA PHE A 161 -11.50 -7.08 7.84
C PHE A 161 -11.52 -7.50 6.37
N THR A 162 -10.57 -8.37 6.00
CA THR A 162 -10.40 -8.79 4.60
C THR A 162 -11.20 -10.07 4.35
N LYS A 163 -11.35 -10.38 3.06
CA LYS A 163 -12.02 -11.59 2.59
C LYS A 163 -11.02 -12.75 2.47
N ALA A 164 -9.76 -12.52 2.87
CA ALA A 164 -8.71 -13.53 2.82
C ALA A 164 -8.51 -14.09 4.23
N LYS A 165 -9.37 -15.04 4.62
CA LYS A 165 -9.42 -15.56 5.98
C LYS A 165 -8.13 -16.33 6.31
N GLU A 166 -7.35 -16.71 5.29
CA GLU A 166 -6.10 -17.44 5.49
C GLU A 166 -5.00 -16.53 6.06
N TYR A 167 -5.25 -15.21 6.09
CA TYR A 167 -4.28 -14.22 6.62
C TYR A 167 -4.83 -13.53 7.88
N GLY A 168 -3.91 -13.02 8.70
CA GLY A 168 -4.23 -12.37 9.98
C GLY A 168 -5.04 -13.29 10.87
N LYS A 169 -6.02 -12.72 11.58
CA LYS A 169 -6.94 -13.48 12.42
C LYS A 169 -8.29 -13.59 11.71
N ASP A 170 -8.49 -14.71 11.01
CA ASP A 170 -9.67 -14.97 10.18
C ASP A 170 -9.92 -13.78 9.25
N GLY A 171 -8.84 -13.26 8.66
CA GLY A 171 -8.92 -12.22 7.65
C GLY A 171 -8.68 -10.83 8.20
N LEU A 172 -8.66 -10.67 9.55
CA LEU A 172 -8.47 -9.36 10.16
C LEU A 172 -6.97 -9.10 10.38
N LEU A 173 -6.54 -7.91 9.96
CA LEU A 173 -5.25 -7.33 10.36
C LEU A 173 -5.50 -5.89 10.81
N LEU A 174 -4.66 -5.40 11.73
CA LEU A 174 -4.59 -3.98 12.03
C LEU A 174 -3.43 -3.38 11.23
N VAL A 175 -3.67 -2.18 10.69
CA VAL A 175 -2.71 -1.51 9.82
C VAL A 175 -2.60 -0.05 10.27
N ALA A 176 -1.38 0.49 10.21
CA ALA A 176 -1.07 1.83 10.68
C ALA A 176 0.26 2.25 10.09
N ASP A 177 0.58 3.56 10.04
CA ASP A 177 -0.31 4.66 10.37
C ASP A 177 -0.99 5.13 9.07
N CYS A 178 -2.32 5.16 9.06
CA CYS A 178 -3.07 5.41 7.82
C CYS A 178 -3.68 6.82 7.81
N ALA A 179 -3.37 7.66 8.81
CA ALA A 179 -4.10 8.93 9.00
C ALA A 179 -3.21 10.12 9.36
N VAL A 180 -2.20 9.96 10.23
CA VAL A 180 -1.68 11.12 10.99
C VAL A 180 -0.31 11.62 10.46
N ILE A 181 0.72 10.76 10.47
CA ILE A 181 2.10 11.24 10.32
C ILE A 181 2.57 11.02 8.89
N PRO A 182 2.79 12.10 8.10
CA PRO A 182 3.23 11.97 6.71
C PRO A 182 4.47 11.07 6.49
N ASN A 183 5.55 11.34 7.23
CA ASN A 183 6.80 10.64 7.05
C ASN A 183 7.43 10.37 8.41
N PRO A 184 6.99 9.30 9.11
CA PRO A 184 7.49 9.01 10.45
C PRO A 184 9.03 8.90 10.48
N THR A 185 9.63 9.48 11.52
CA THR A 185 11.01 9.17 11.87
C THR A 185 11.06 7.71 12.31
N ALA A 186 12.28 7.16 12.40
CA ALA A 186 12.46 5.81 12.90
C ALA A 186 11.81 5.66 14.29
N ASP A 187 12.01 6.66 15.16
CA ASP A 187 11.42 6.66 16.49
C ASP A 187 9.90 6.65 16.40
N GLU A 188 9.34 7.52 15.55
CA GLU A 188 7.89 7.61 15.42
C GLU A 188 7.34 6.28 14.88
N LEU A 189 8.06 5.66 13.94
CA LEU A 189 7.64 4.42 13.33
C LEU A 189 7.67 3.28 14.36
N ALA A 190 8.67 3.28 15.25
CA ALA A 190 8.74 2.32 16.35
C ALA A 190 7.51 2.46 17.27
N GLN A 191 7.18 3.71 17.59
CA GLN A 191 6.01 4.02 18.42
C GLN A 191 4.74 3.48 17.75
N ILE A 192 4.61 3.67 16.44
CA ILE A 192 3.46 3.15 15.70
C ILE A 192 3.37 1.63 15.88
N ALA A 193 4.49 0.94 15.73
CA ALA A 193 4.51 -0.52 15.82
C ALA A 193 4.00 -0.98 17.19
N VAL A 194 4.55 -0.38 18.26
CA VAL A 194 4.19 -0.76 19.61
C VAL A 194 2.71 -0.41 19.88
N ALA A 195 2.31 0.81 19.52
CA ALA A 195 0.95 1.29 19.75
C ALA A 195 -0.05 0.37 19.03
N THR A 196 0.23 0.03 17.77
CA THR A 196 -0.70 -0.78 16.97
C THR A 196 -0.80 -2.21 17.55
N ALA A 197 0.32 -2.77 18.02
CA ALA A 197 0.32 -4.07 18.69
C ALA A 197 -0.58 -4.03 19.93
N ARG A 198 -0.46 -2.97 20.73
CA ARG A 198 -1.24 -2.83 21.97
C ARG A 198 -2.73 -2.66 21.65
N THR A 199 -3.02 -1.86 20.61
CA THR A 199 -4.41 -1.69 20.13
C THR A 199 -4.97 -3.03 19.66
N ALA A 200 -4.15 -3.82 18.95
CA ALA A 200 -4.57 -5.14 18.47
C ALA A 200 -5.00 -6.05 19.63
N LYS A 201 -4.23 -6.07 20.73
CA LYS A 201 -4.58 -6.87 21.92
C LYS A 201 -5.87 -6.34 22.57
N ALA A 202 -5.89 -5.02 22.80
CA ALA A 202 -6.95 -4.30 23.51
C ALA A 202 -8.31 -4.43 22.82
N ILE A 203 -8.32 -4.33 21.48
CA ILE A 203 -9.56 -4.23 20.72
C ILE A 203 -9.92 -5.54 20.02
N ALA A 204 -8.95 -6.23 19.43
CA ALA A 204 -9.22 -7.35 18.54
C ALA A 204 -8.89 -8.69 19.20
N ASP A 205 -8.37 -8.67 20.43
CA ASP A 205 -7.96 -9.88 21.14
C ASP A 205 -6.98 -10.68 20.28
N ILE A 206 -6.01 -9.96 19.70
CA ILE A 206 -5.00 -10.53 18.82
C ILE A 206 -3.68 -10.65 19.61
N GLU A 207 -3.00 -11.79 19.42
N GLU A 207 -3.00 -11.79 19.44
CA GLU A 207 -1.63 -11.95 19.86
CA GLU A 207 -1.63 -11.95 19.88
C GLU A 207 -0.75 -11.38 18.75
C GLU A 207 -0.75 -11.38 18.76
N PRO A 208 -0.19 -10.16 18.93
CA PRO A 208 0.44 -9.45 17.81
C PRO A 208 1.65 -10.19 17.19
N ARG A 209 1.68 -10.13 15.86
CA ARG A 209 2.83 -10.47 15.05
C ARG A 209 3.01 -9.29 14.09
N VAL A 210 3.96 -8.41 14.41
CA VAL A 210 4.06 -7.08 13.83
C VAL A 210 5.13 -7.08 12.75
N ALA A 211 4.72 -6.79 11.51
CA ALA A 211 5.62 -6.73 10.35
C ALA A 211 5.90 -5.26 10.01
N MET A 212 7.19 -4.88 10.08
CA MET A 212 7.65 -3.57 9.68
C MET A 212 7.94 -3.63 8.17
N LEU A 213 7.05 -3.03 7.37
CA LEU A 213 7.02 -3.29 5.93
C LEU A 213 7.98 -2.36 5.19
N SER A 214 8.41 -2.85 4.03
CA SER A 214 9.47 -2.27 3.23
C SER A 214 9.34 -2.84 1.82
N PHE A 215 10.12 -2.30 0.87
CA PHE A 215 10.30 -2.95 -0.44
C PHE A 215 11.46 -3.94 -0.39
N SER A 216 12.15 -3.98 0.77
CA SER A 216 13.25 -4.87 1.07
C SER A 216 12.80 -5.92 2.09
N THR A 217 13.39 -7.13 2.02
CA THR A 217 13.27 -8.11 3.10
C THR A 217 14.67 -8.50 3.58
N LYS A 218 14.98 -8.17 4.84
CA LYS A 218 16.20 -8.58 5.53
C LYS A 218 17.42 -8.34 4.65
N GLY A 219 17.52 -7.12 4.11
CA GLY A 219 18.72 -6.65 3.42
C GLY A 219 18.73 -6.97 1.94
N SER A 220 17.60 -7.43 1.38
CA SER A 220 17.49 -7.79 -0.04
C SER A 220 17.60 -6.54 -0.94
N ALA A 221 17.18 -5.38 -0.45
CA ALA A 221 17.23 -4.12 -1.23
C ALA A 221 17.60 -2.95 -0.32
N LYS A 222 18.91 -2.82 -0.05
CA LYS A 222 19.42 -1.79 0.85
C LYS A 222 19.27 -0.39 0.24
N HIS A 223 18.87 0.55 1.10
CA HIS A 223 18.53 1.91 0.74
C HIS A 223 18.31 2.70 2.04
N GLU A 224 18.44 4.03 1.95
CA GLU A 224 18.22 4.94 3.08
C GLU A 224 16.80 4.73 3.62
N MET A 225 15.83 4.49 2.72
CA MET A 225 14.44 4.28 3.12
C MET A 225 14.35 2.97 3.91
N THR A 226 15.04 1.93 3.43
CA THR A 226 15.08 0.62 4.08
C THR A 226 15.73 0.74 5.45
N ASP A 227 16.82 1.52 5.53
CA ASP A 227 17.55 1.75 6.78
C ASP A 227 16.61 2.25 7.88
N LYS A 228 15.68 3.15 7.52
CA LYS A 228 14.74 3.74 8.47
C LYS A 228 13.88 2.64 9.11
N VAL A 229 13.40 1.70 8.29
CA VAL A 229 12.54 0.62 8.77
C VAL A 229 13.36 -0.33 9.65
N VAL A 230 14.62 -0.55 9.28
CA VAL A 230 15.50 -1.42 10.07
C VAL A 230 15.69 -0.81 11.47
N GLU A 231 15.95 0.49 11.52
CA GLU A 231 16.17 1.21 12.77
C GLU A 231 14.87 1.20 13.60
N ALA A 232 13.74 1.47 12.95
CA ALA A 232 12.43 1.46 13.62
C ALA A 232 12.19 0.09 14.25
N THR A 233 12.58 -0.98 13.56
CA THR A 233 12.42 -2.35 14.05
C THR A 233 13.22 -2.53 15.35
N ARG A 234 14.49 -2.12 15.32
CA ARG A 234 15.36 -2.22 16.50
C ARG A 234 14.78 -1.38 17.65
N MET A 235 14.33 -0.16 17.35
CA MET A 235 13.84 0.76 18.37
C MET A 235 12.55 0.23 18.99
N ALA A 236 11.68 -0.38 18.16
CA ALA A 236 10.41 -0.94 18.64
C ALA A 236 10.68 -2.11 19.60
N GLN A 237 11.67 -2.94 19.25
CA GLN A 237 12.08 -4.08 20.07
C GLN A 237 12.61 -3.59 21.42
N GLU A 238 13.35 -2.48 21.42
CA GLU A 238 13.87 -1.87 22.66
C GLU A 238 12.71 -1.35 23.53
N MET A 239 11.71 -0.72 22.89
CA MET A 239 10.59 -0.11 23.59
C MET A 239 9.75 -1.19 24.28
N ALA A 240 9.50 -2.28 23.56
CA ALA A 240 8.60 -3.35 24.02
C ALA A 240 9.20 -4.70 23.66
N PRO A 241 10.21 -5.16 24.43
CA PRO A 241 10.92 -6.43 24.12
C PRO A 241 10.02 -7.67 24.16
N ASP A 242 8.87 -7.54 24.83
CA ASP A 242 7.86 -8.59 24.98
C ASP A 242 7.13 -8.88 23.67
N LEU A 243 7.04 -7.88 22.79
CA LEU A 243 6.21 -8.01 21.58
C LEU A 243 7.00 -8.73 20.48
N LEU A 244 6.26 -9.43 19.61
CA LEU A 244 6.85 -10.08 18.45
C LEU A 244 6.78 -9.12 17.25
N ILE A 245 7.92 -8.46 17.02
CA ILE A 245 8.10 -7.43 15.99
C ILE A 245 9.33 -7.84 15.16
N ASP A 246 9.20 -7.78 13.85
CA ASP A 246 10.33 -8.08 12.98
C ASP A 246 10.22 -7.24 11.70
N GLY A 247 11.37 -7.11 11.04
CA GLY A 247 11.50 -6.33 9.84
C GLY A 247 12.98 -6.20 9.49
N GLU A 248 13.29 -5.51 8.38
CA GLU A 248 12.30 -5.03 7.42
C GLU A 248 11.83 -6.20 6.58
N MET A 249 10.57 -6.16 6.10
CA MET A 249 10.11 -7.23 5.23
C MET A 249 9.03 -6.70 4.26
N GLN A 250 9.00 -7.32 3.08
CA GLN A 250 7.99 -7.05 2.07
C GLN A 250 6.64 -7.64 2.52
N ALA A 251 5.57 -7.17 1.88
CA ALA A 251 4.21 -7.54 2.26
C ALA A 251 3.97 -9.03 2.05
N ASP A 252 4.60 -9.61 1.02
CA ASP A 252 4.43 -11.03 0.74
C ASP A 252 5.18 -11.87 1.79
N ALA A 253 6.36 -11.41 2.21
CA ALA A 253 7.10 -12.09 3.29
C ALA A 253 6.28 -12.03 4.60
N ALA A 254 5.56 -10.92 4.82
CA ALA A 254 4.76 -10.75 6.04
C ALA A 254 3.64 -11.80 6.10
N LEU A 255 3.01 -12.09 4.96
CA LEU A 255 1.74 -12.84 4.92
C LEU A 255 1.92 -14.31 4.54
N VAL A 256 2.89 -14.63 3.68
CA VAL A 256 2.94 -15.91 2.97
C VAL A 256 4.09 -16.76 3.53
N GLU A 257 3.76 -17.91 4.14
CA GLU A 257 4.73 -18.77 4.83
C GLU A 257 5.86 -19.19 3.86
N ARG A 258 5.47 -19.62 2.64
CA ARG A 258 6.40 -20.08 1.62
C ARG A 258 7.44 -18.99 1.28
N VAL A 259 6.98 -17.74 1.17
CA VAL A 259 7.84 -16.60 0.85
C VAL A 259 8.72 -16.28 2.06
N ALA A 260 8.12 -16.30 3.26
CA ALA A 260 8.84 -16.02 4.50
C ALA A 260 9.99 -17.00 4.68
N ALA A 261 9.76 -18.28 4.37
CA ALA A 261 10.75 -19.33 4.54
C ALA A 261 12.02 -19.04 3.73
N LEU A 262 11.85 -18.42 2.56
CA LEU A 262 12.95 -18.11 1.64
C LEU A 262 13.60 -16.78 2.02
N LYS A 263 12.79 -15.75 2.28
CA LYS A 263 13.26 -14.35 2.34
C LYS A 263 13.63 -13.95 3.77
N ALA A 264 12.99 -14.57 4.77
CA ALA A 264 13.19 -14.21 6.18
C ALA A 264 13.17 -15.47 7.04
N PRO A 265 14.09 -16.42 6.83
CA PRO A 265 14.11 -17.64 7.63
C PRO A 265 14.34 -17.34 9.11
N GLY A 266 13.61 -18.06 9.97
CA GLY A 266 13.74 -17.95 11.42
C GLY A 266 13.04 -16.72 11.99
N SER A 267 12.36 -15.93 11.15
CA SER A 267 11.61 -14.77 11.65
C SER A 267 10.50 -15.23 12.61
N ASN A 268 10.27 -14.45 13.67
CA ASN A 268 9.18 -14.71 14.61
C ASN A 268 7.87 -14.08 14.12
N VAL A 269 7.88 -13.40 12.96
CA VAL A 269 6.68 -12.72 12.42
C VAL A 269 6.40 -13.16 10.97
N ALA A 270 7.43 -13.21 10.13
CA ALA A 270 7.23 -13.39 8.70
C ALA A 270 6.44 -14.68 8.45
N GLY A 271 5.42 -14.55 7.60
CA GLY A 271 4.51 -15.64 7.26
C GLY A 271 3.29 -15.74 8.18
N LYS A 272 3.29 -14.94 9.27
CA LYS A 272 2.25 -15.00 10.31
C LYS A 272 1.75 -13.60 10.72
N ALA A 273 2.04 -12.54 9.94
CA ALA A 273 1.77 -11.17 10.39
C ALA A 273 0.26 -10.94 10.55
N ASN A 274 -0.13 -10.25 11.63
CA ASN A 274 -1.51 -9.80 11.82
C ASN A 274 -1.57 -8.29 12.10
N VAL A 275 -0.41 -7.63 12.16
CA VAL A 275 -0.30 -6.18 12.29
C VAL A 275 0.72 -5.72 11.23
N LEU A 276 0.30 -4.78 10.36
CA LEU A 276 1.19 -4.24 9.33
C LEU A 276 1.49 -2.78 9.66
N VAL A 277 2.79 -2.46 9.70
CA VAL A 277 3.28 -1.11 9.95
C VAL A 277 3.90 -0.58 8.67
N PHE A 278 3.28 0.48 8.12
CA PHE A 278 3.68 1.07 6.85
C PHE A 278 4.75 2.12 7.12
N PRO A 279 5.75 2.29 6.22
CA PRO A 279 6.85 3.23 6.49
C PRO A 279 6.53 4.73 6.30
N THR A 280 5.47 5.05 5.53
CA THR A 280 5.00 6.44 5.35
C THR A 280 3.47 6.47 5.22
N LEU A 281 2.91 7.68 5.30
CA LEU A 281 1.48 7.90 5.16
C LEU A 281 1.04 7.70 3.71
N GLU A 282 1.94 7.93 2.74
CA GLU A 282 1.64 7.61 1.35
C GLU A 282 1.35 6.11 1.25
N VAL A 283 2.19 5.30 1.88
CA VAL A 283 1.96 3.86 1.87
C VAL A 283 0.63 3.56 2.58
N GLY A 284 0.48 4.09 3.81
CA GLY A 284 -0.66 3.70 4.67
C GLY A 284 -2.00 4.10 4.07
N ASN A 285 -2.10 5.36 3.63
CA ASN A 285 -3.33 5.94 3.15
C ASN A 285 -3.75 5.29 1.83
N ILE A 286 -2.78 5.03 0.93
CA ILE A 286 -3.08 4.41 -0.38
C ILE A 286 -3.42 2.93 -0.18
N ALA A 287 -2.60 2.21 0.59
CA ALA A 287 -2.72 0.74 0.68
C ALA A 287 -4.05 0.32 1.32
N TYR A 288 -4.45 0.92 2.44
CA TYR A 288 -5.67 0.43 3.12
C TYR A 288 -6.89 0.72 2.24
N LYS A 289 -6.89 1.87 1.56
CA LYS A 289 -8.01 2.27 0.69
C LYS A 289 -8.10 1.33 -0.51
N LEU A 290 -6.96 0.94 -1.10
CA LEU A 290 -6.99 0.00 -2.25
C LEU A 290 -7.45 -1.39 -1.80
N VAL A 291 -7.02 -1.83 -0.60
CA VAL A 291 -7.48 -3.14 -0.11
C VAL A 291 -8.99 -3.09 0.12
N GLU A 292 -9.48 -1.97 0.68
CA GLU A 292 -10.91 -1.74 0.90
C GLU A 292 -11.68 -1.80 -0.43
N ARG A 293 -11.26 -0.98 -1.40
CA ARG A 293 -12.03 -0.78 -2.64
C ARG A 293 -11.83 -1.95 -3.61
N LEU A 294 -10.57 -2.27 -3.92
CA LEU A 294 -10.27 -3.32 -4.92
C LEU A 294 -10.46 -4.71 -4.30
N GLY A 295 -10.31 -4.82 -2.98
CA GLY A 295 -10.34 -6.12 -2.29
C GLY A 295 -11.65 -6.42 -1.58
N HIS A 296 -12.56 -5.45 -1.54
CA HIS A 296 -13.85 -5.55 -0.85
C HIS A 296 -13.65 -5.81 0.66
N ALA A 297 -12.56 -5.29 1.22
CA ALA A 297 -12.33 -5.40 2.67
C ALA A 297 -13.15 -4.31 3.37
N GLU A 298 -13.54 -4.58 4.62
N GLU A 298 -13.53 -4.58 4.62
CA GLU A 298 -14.20 -3.59 5.46
CA GLU A 298 -14.21 -3.60 5.47
C GLU A 298 -13.15 -2.94 6.34
C GLU A 298 -13.16 -2.95 6.35
N ALA A 299 -13.09 -1.61 6.32
CA ALA A 299 -12.09 -0.84 7.06
C ALA A 299 -12.81 -0.03 8.15
N VAL A 300 -12.59 -0.40 9.42
CA VAL A 300 -13.18 0.30 10.56
C VAL A 300 -12.10 1.18 11.21
N GLY A 301 -12.38 2.48 11.26
CA GLY A 301 -11.40 3.48 11.68
C GLY A 301 -11.63 4.83 11.01
N PRO A 302 -10.67 5.74 11.16
CA PRO A 302 -9.43 5.53 11.91
C PRO A 302 -9.66 5.44 13.42
N ILE A 303 -8.86 4.59 14.08
CA ILE A 303 -8.79 4.51 15.54
C ILE A 303 -7.50 5.24 15.94
N LEU A 304 -7.63 6.28 16.78
CA LEU A 304 -6.48 7.05 17.23
C LEU A 304 -5.81 6.27 18.38
N GLN A 305 -4.48 6.19 18.36
CA GLN A 305 -3.76 5.43 19.39
C GLN A 305 -2.53 6.23 19.83
N GLY A 306 -2.09 5.98 21.06
CA GLY A 306 -0.93 6.65 21.64
C GLY A 306 -1.29 7.67 22.71
N MET A 307 -2.60 7.90 22.91
CA MET A 307 -3.10 8.86 23.89
C MET A 307 -3.08 8.25 25.29
N ALA A 308 -2.91 9.10 26.31
CA ALA A 308 -2.89 8.70 27.72
C ALA A 308 -4.26 8.17 28.16
N ALA A 309 -5.32 8.72 27.54
CA ALA A 309 -6.68 8.24 27.64
C ALA A 309 -7.34 8.45 26.28
N PRO A 310 -8.23 7.53 25.85
CA PRO A 310 -8.67 7.50 24.45
C PRO A 310 -9.58 8.67 24.07
N VAL A 311 -9.23 9.28 22.94
CA VAL A 311 -10.04 10.22 22.20
C VAL A 311 -10.12 9.72 20.76
N ASN A 312 -11.34 9.66 20.20
CA ASN A 312 -11.51 9.27 18.80
C ASN A 312 -12.32 10.33 18.05
N ASP A 313 -12.07 10.39 16.75
CA ASP A 313 -12.60 11.39 15.86
C ASP A 313 -13.40 10.69 14.76
N LEU A 314 -14.70 11.00 14.70
CA LEU A 314 -15.61 10.49 13.67
C LEU A 314 -15.47 11.34 12.41
N SER A 315 -15.88 10.75 11.27
CA SER A 315 -16.14 11.50 10.06
C SER A 315 -17.42 12.33 10.25
N ARG A 316 -17.44 13.52 9.64
N ARG A 316 -17.43 13.52 9.65
CA ARG A 316 -18.61 14.38 9.67
CA ARG A 316 -18.61 14.38 9.67
C ARG A 316 -19.76 13.71 8.89
C ARG A 316 -19.76 13.71 8.89
N GLY A 317 -19.43 12.78 7.99
CA GLY A 317 -20.42 11.98 7.25
C GLY A 317 -20.77 10.67 7.92
N CYS A 318 -20.40 10.49 9.20
CA CYS A 318 -20.54 9.20 9.88
C CYS A 318 -22.02 8.81 10.01
N SER A 319 -22.24 7.49 10.11
CA SER A 319 -23.53 6.89 10.42
C SER A 319 -23.72 6.74 11.94
N VAL A 320 -24.96 6.44 12.36
CA VAL A 320 -25.24 6.15 13.75
C VAL A 320 -24.44 4.91 14.20
N GLU A 321 -24.38 3.90 13.34
N GLU A 321 -24.38 3.90 13.34
CA GLU A 321 -23.65 2.67 13.61
CA GLU A 321 -23.65 2.66 13.62
C GLU A 321 -22.16 2.98 13.82
C GLU A 321 -22.16 2.98 13.82
N ASP A 322 -21.61 3.87 12.98
CA ASP A 322 -20.20 4.30 13.10
C ASP A 322 -19.93 4.82 14.52
N ILE A 323 -20.84 5.65 15.03
CA ILE A 323 -20.70 6.28 16.36
C ILE A 323 -20.79 5.20 17.44
N TYR A 324 -21.83 4.36 17.36
CA TYR A 324 -22.03 3.27 18.31
C TYR A 324 -20.75 2.43 18.41
N ARG A 325 -20.24 2.01 17.26
CA ARG A 325 -19.05 1.16 17.19
C ARG A 325 -17.85 1.87 17.79
N MET A 326 -17.63 3.13 17.41
CA MET A 326 -16.40 3.83 17.84
C MET A 326 -16.45 4.10 19.34
N VAL A 327 -17.65 4.31 19.91
CA VAL A 327 -17.78 4.47 21.35
C VAL A 327 -17.35 3.17 22.05
N ALA A 328 -17.84 2.03 21.56
CA ALA A 328 -17.47 0.74 22.13
C ALA A 328 -15.96 0.50 22.01
N ILE A 329 -15.37 0.90 20.88
CA ILE A 329 -13.93 0.73 20.69
C ILE A 329 -13.18 1.62 21.69
N THR A 330 -13.65 2.86 21.86
CA THR A 330 -13.05 3.82 22.80
C THR A 330 -13.08 3.23 24.21
N ALA A 331 -14.20 2.60 24.58
CA ALA A 331 -14.36 2.00 25.89
C ALA A 331 -13.32 0.90 26.09
N ASN A 332 -13.09 0.08 25.06
CA ASN A 332 -12.10 -1.00 25.12
C ASN A 332 -10.68 -0.40 25.29
N GLN A 333 -10.40 0.72 24.59
CA GLN A 333 -9.13 1.43 24.75
C GLN A 333 -8.99 1.97 26.18
N ALA A 334 -10.09 2.45 26.76
CA ALA A 334 -10.08 2.98 28.12
C ALA A 334 -9.75 1.86 29.11
N ILE A 335 -10.35 0.69 28.91
CA ILE A 335 -10.09 -0.47 29.76
C ILE A 335 -8.58 -0.77 29.73
N ALA A 336 -8.00 -0.80 28.52
CA ALA A 336 -6.57 -1.08 28.34
C ALA A 336 -5.72 -0.03 29.06
N ALA A 337 -6.10 1.25 28.94
CA ALA A 337 -5.35 2.37 29.55
C ALA A 337 -5.31 2.23 31.09
N LYS A 338 -6.36 1.62 31.67
CA LYS A 338 -6.51 1.46 33.12
C LYS A 338 -5.66 0.28 33.65
N GLU A 339 -5.17 -0.61 32.77
CA GLU A 339 -4.32 -1.75 33.18
C GLU A 339 -2.86 -1.31 33.32
N GLY B 1 -8.55 -7.05 -25.21
CA GLY B 1 -9.83 -7.46 -25.87
C GLY B 1 -11.04 -6.76 -25.24
N PRO B 2 -12.27 -7.14 -25.64
CA PRO B 2 -13.49 -6.46 -25.16
C PRO B 2 -13.64 -6.47 -23.62
N LEU B 3 -13.31 -7.59 -22.98
CA LEU B 3 -13.31 -7.70 -21.51
C LEU B 3 -11.85 -7.72 -21.01
N GLY B 4 -11.58 -6.93 -19.96
CA GLY B 4 -10.24 -6.80 -19.40
C GLY B 4 -9.78 -8.05 -18.67
N SER B 5 -10.73 -8.81 -18.15
CA SER B 5 -10.50 -10.07 -17.45
C SER B 5 -9.93 -11.15 -18.38
N ASP B 6 -10.08 -11.02 -19.71
CA ASP B 6 -9.62 -12.06 -20.66
C ASP B 6 -8.25 -11.71 -21.27
N LEU B 7 -7.53 -10.73 -20.69
CA LEU B 7 -6.38 -10.15 -21.32
C LEU B 7 -5.28 -11.19 -21.51
N ILE B 8 -5.06 -12.09 -20.53
CA ILE B 8 -3.93 -13.03 -20.63
C ILE B 8 -4.13 -13.95 -21.84
N GLN B 9 -5.37 -14.43 -22.04
CA GLN B 9 -5.69 -15.27 -23.20
C GLN B 9 -5.45 -14.48 -24.49
N ASP B 10 -5.80 -13.19 -24.47
CA ASP B 10 -5.65 -12.31 -25.63
C ASP B 10 -4.18 -12.10 -25.95
N VAL B 11 -3.35 -11.92 -24.92
CA VAL B 11 -1.90 -11.75 -25.05
C VAL B 11 -1.32 -12.99 -25.74
N ILE B 12 -1.72 -14.18 -25.28
CA ILE B 12 -1.20 -15.43 -25.84
C ILE B 12 -1.59 -15.52 -27.32
N ARG B 13 -2.87 -15.28 -27.62
CA ARG B 13 -3.40 -15.36 -28.99
C ARG B 13 -2.65 -14.37 -29.90
N ARG B 14 -2.44 -13.14 -29.43
CA ARG B 14 -1.77 -12.09 -30.22
C ARG B 14 -0.35 -12.54 -30.56
N ALA B 15 0.33 -13.21 -29.61
CA ALA B 15 1.67 -13.73 -29.83
C ALA B 15 1.61 -14.84 -30.89
N GLN B 16 0.64 -15.74 -30.76
CA GLN B 16 0.47 -16.88 -31.69
C GLN B 16 0.25 -16.40 -33.12
N GLU B 17 -0.49 -15.29 -33.28
CA GLU B 17 -0.89 -14.77 -34.61
C GLU B 17 0.29 -14.08 -35.31
N ASN B 18 1.33 -13.72 -34.55
CA ASN B 18 2.49 -13.01 -35.08
C ASN B 18 3.74 -13.43 -34.29
N LYS B 19 4.29 -14.60 -34.65
CA LYS B 19 5.34 -15.25 -33.87
C LYS B 19 6.61 -14.40 -33.84
N GLN B 20 7.11 -14.16 -32.62
CA GLN B 20 8.31 -13.38 -32.36
C GLN B 20 9.43 -14.33 -31.89
N ARG B 21 10.68 -13.86 -32.02
CA ARG B 21 11.86 -14.58 -31.55
C ARG B 21 12.22 -14.10 -30.14
N ILE B 22 12.18 -15.01 -29.17
CA ILE B 22 12.49 -14.65 -27.77
C ILE B 22 13.73 -15.42 -27.30
N VAL B 23 14.75 -14.68 -26.85
CA VAL B 23 16.00 -15.26 -26.34
C VAL B 23 15.84 -15.55 -24.84
N LEU B 24 16.22 -16.77 -24.44
CA LEU B 24 16.29 -17.21 -23.05
C LEU B 24 17.73 -17.53 -22.70
N PRO B 25 18.50 -16.56 -22.16
CA PRO B 25 19.89 -16.80 -21.77
C PRO B 25 20.12 -17.94 -20.76
N GLU B 26 19.12 -18.23 -19.93
CA GLU B 26 19.23 -19.24 -18.88
C GLU B 26 18.80 -20.58 -19.46
N GLY B 27 19.59 -21.08 -20.42
CA GLY B 27 19.21 -22.20 -21.26
C GLY B 27 19.27 -23.55 -20.56
N LEU B 28 19.82 -23.61 -19.35
CA LEU B 28 19.86 -24.87 -18.58
C LEU B 28 18.92 -24.81 -17.36
N GLU B 29 18.25 -23.68 -17.12
CA GLU B 29 17.41 -23.53 -15.93
C GLU B 29 16.13 -24.33 -16.15
N PRO B 30 15.79 -25.28 -15.24
CA PRO B 30 14.70 -26.22 -15.49
C PRO B 30 13.33 -25.58 -15.75
N ARG B 31 12.92 -24.61 -14.93
CA ARG B 31 11.59 -24.00 -15.09
C ARG B 31 11.50 -23.30 -16.46
N THR B 32 12.59 -22.63 -16.84
CA THR B 32 12.70 -21.95 -18.13
C THR B 32 12.52 -22.95 -19.27
N LEU B 33 13.15 -24.13 -19.14
CA LEU B 33 13.06 -25.15 -20.20
C LEU B 33 11.63 -25.71 -20.25
N GLU B 34 11.01 -25.91 -19.07
CA GLU B 34 9.64 -26.40 -19.00
C GLU B 34 8.72 -25.39 -19.69
N ALA B 35 8.94 -24.10 -19.43
CA ALA B 35 8.15 -23.02 -20.04
C ALA B 35 8.37 -23.01 -21.55
N ALA B 36 9.63 -23.08 -21.98
CA ALA B 36 9.97 -23.05 -23.41
C ALA B 36 9.28 -24.21 -24.15
N ASP B 37 9.25 -25.38 -23.51
CA ASP B 37 8.61 -26.57 -24.06
C ASP B 37 7.14 -26.29 -24.36
N ARG B 38 6.42 -25.72 -23.39
CA ARG B 38 4.99 -25.45 -23.54
C ARG B 38 4.77 -24.33 -24.58
N LEU B 39 5.65 -23.33 -24.57
CA LEU B 39 5.55 -22.19 -25.48
C LEU B 39 5.70 -22.68 -26.93
N MET B 40 6.64 -23.60 -27.16
CA MET B 40 6.91 -24.14 -28.50
C MET B 40 5.77 -25.06 -28.93
N ALA B 41 5.28 -25.89 -28.01
CA ALA B 41 4.14 -26.78 -28.28
C ALA B 41 2.91 -25.95 -28.71
N ASP B 42 2.70 -24.80 -28.07
CA ASP B 42 1.53 -23.94 -28.29
C ASP B 42 1.78 -22.91 -29.41
N LYS B 43 3.00 -22.93 -30.00
CA LYS B 43 3.34 -22.07 -31.16
C LYS B 43 3.23 -20.59 -30.77
N VAL B 44 3.65 -20.24 -29.55
CA VAL B 44 3.46 -18.88 -29.03
C VAL B 44 4.61 -17.97 -29.51
N VAL B 45 5.83 -18.50 -29.49
CA VAL B 45 7.03 -17.79 -29.90
C VAL B 45 8.02 -18.79 -30.51
N ASN B 46 9.03 -18.26 -31.19
CA ASN B 46 10.19 -19.01 -31.63
C ASN B 46 11.28 -18.81 -30.58
N ILE B 47 11.68 -19.90 -29.91
CA ILE B 47 12.58 -19.85 -28.76
C ILE B 47 14.04 -19.95 -29.21
N ILE B 48 14.89 -19.12 -28.63
CA ILE B 48 16.35 -19.24 -28.74
C ILE B 48 16.90 -19.48 -27.33
N LEU B 49 17.53 -20.65 -27.13
CA LEU B 49 18.15 -21.00 -25.85
C LEU B 49 19.66 -20.75 -25.94
N ILE B 50 20.25 -20.22 -24.86
CA ILE B 50 21.69 -20.00 -24.82
C ILE B 50 22.33 -21.04 -23.91
N GLY B 51 23.34 -21.73 -24.46
CA GLY B 51 24.15 -22.68 -23.72
C GLY B 51 24.89 -23.61 -24.67
N ASN B 52 25.84 -24.36 -24.12
CA ASN B 52 26.51 -25.43 -24.84
C ASN B 52 25.42 -26.36 -25.41
N VAL B 53 25.50 -26.65 -26.72
CA VAL B 53 24.41 -27.34 -27.43
C VAL B 53 24.20 -28.74 -26.82
N ASP B 54 25.29 -29.48 -26.62
CA ASP B 54 25.20 -30.85 -26.06
C ASP B 54 24.63 -30.77 -24.64
N SER B 55 25.08 -29.79 -23.84
CA SER B 55 24.60 -29.63 -22.46
C SER B 55 23.09 -29.35 -22.42
N VAL B 56 22.63 -28.46 -23.31
CA VAL B 56 21.22 -28.08 -23.35
C VAL B 56 20.37 -29.27 -23.78
N LYS B 57 20.80 -29.95 -24.86
CA LYS B 57 20.07 -31.10 -25.38
C LYS B 57 19.99 -32.20 -24.31
N ALA B 58 21.09 -32.40 -23.57
CA ALA B 58 21.14 -33.41 -22.50
C ALA B 58 20.15 -33.05 -21.39
N LYS B 59 20.09 -31.76 -21.04
CA LYS B 59 19.18 -31.27 -19.99
C LYS B 59 17.73 -31.47 -20.43
N VAL B 60 17.42 -31.14 -21.69
CA VAL B 60 16.08 -31.34 -22.27
C VAL B 60 15.70 -32.82 -22.14
N ALA B 61 16.63 -33.70 -22.50
CA ALA B 61 16.41 -35.15 -22.44
C ALA B 61 16.21 -35.59 -20.98
N GLU B 62 17.03 -35.06 -20.07
CA GLU B 62 16.95 -35.38 -18.64
C GLU B 62 15.56 -35.00 -18.09
N LEU B 63 15.05 -33.83 -18.49
CA LEU B 63 13.74 -33.33 -18.01
C LEU B 63 12.58 -33.99 -18.75
N GLY B 64 12.88 -34.69 -19.85
CA GLY B 64 11.89 -35.49 -20.60
C GLY B 64 10.99 -34.61 -21.46
N LEU B 65 11.51 -33.49 -21.94
CA LEU B 65 10.73 -32.54 -22.73
C LEU B 65 10.81 -32.94 -24.20
N LYS B 66 9.68 -32.82 -24.91
CA LYS B 66 9.49 -33.42 -26.23
C LYS B 66 9.35 -32.37 -27.35
N ASN B 67 9.25 -31.07 -27.03
CA ASN B 67 8.84 -30.06 -28.01
C ASN B 67 9.98 -29.08 -28.35
N LEU B 68 11.22 -29.41 -27.98
CA LEU B 68 12.33 -28.46 -28.08
C LEU B 68 13.40 -28.92 -29.08
N ASP B 69 13.13 -29.98 -29.85
CA ASP B 69 14.11 -30.45 -30.86
C ASP B 69 14.35 -29.37 -31.92
N GLU B 70 13.32 -28.57 -32.18
CA GLU B 70 13.29 -27.55 -33.24
C GLU B 70 13.64 -26.16 -32.68
N ALA B 71 13.98 -26.08 -31.39
CA ALA B 71 14.41 -24.84 -30.77
C ALA B 71 15.84 -24.52 -31.22
N VAL B 72 16.11 -23.24 -31.46
CA VAL B 72 17.46 -22.78 -31.74
C VAL B 72 18.24 -22.77 -30.41
N ILE B 73 19.46 -23.35 -30.45
CA ILE B 73 20.39 -23.31 -29.34
C ILE B 73 21.68 -22.66 -29.84
N ILE B 74 22.16 -21.66 -29.10
CA ILE B 74 23.37 -20.93 -29.44
C ILE B 74 24.36 -21.08 -28.28
N ASP B 75 25.55 -21.58 -28.62
CA ASP B 75 26.64 -21.75 -27.67
C ASP B 75 27.40 -20.44 -27.56
N PRO B 76 27.45 -19.79 -26.36
CA PRO B 76 28.13 -18.50 -26.22
C PRO B 76 29.64 -18.55 -26.55
N ASN B 77 30.24 -19.75 -26.45
CA ASN B 77 31.67 -19.90 -26.67
C ASN B 77 31.97 -20.08 -28.17
N ASN B 78 30.98 -20.48 -28.97
CA ASN B 78 31.19 -20.83 -30.40
C ASN B 78 29.88 -20.66 -31.18
N HIS B 79 29.77 -19.55 -31.91
CA HIS B 79 28.63 -19.29 -32.79
C HIS B 79 29.07 -18.36 -33.92
N PRO B 80 28.38 -18.36 -35.08
CA PRO B 80 28.86 -17.62 -36.26
C PRO B 80 29.03 -16.10 -36.14
N LYS B 81 28.33 -15.46 -35.18
CA LYS B 81 28.33 -14.00 -35.07
C LYS B 81 29.19 -13.53 -33.90
N LYS B 82 30.08 -14.40 -33.39
CA LYS B 82 30.80 -14.12 -32.15
C LYS B 82 31.67 -12.86 -32.29
N GLN B 83 32.43 -12.78 -33.38
CA GLN B 83 33.34 -11.64 -33.58
C GLN B 83 32.50 -10.38 -33.85
N GLN B 84 31.43 -10.50 -34.63
CA GLN B 84 30.57 -9.38 -34.95
C GLN B 84 30.02 -8.75 -33.65
N TYR B 85 29.52 -9.62 -32.76
CA TYR B 85 28.96 -9.17 -31.49
C TYR B 85 30.04 -8.60 -30.58
N THR B 86 31.24 -9.19 -30.60
CA THR B 86 32.37 -8.68 -29.83
C THR B 86 32.65 -7.22 -30.26
N ASP B 87 32.71 -6.99 -31.58
CA ASP B 87 33.03 -5.68 -32.14
C ASP B 87 31.93 -4.66 -31.78
N LEU B 88 30.68 -5.11 -31.82
CA LEU B 88 29.54 -4.27 -31.43
C LEU B 88 29.69 -3.84 -29.96
N LEU B 89 30.02 -4.80 -29.10
CA LEU B 89 30.13 -4.54 -27.67
C LEU B 89 31.25 -3.52 -27.43
N LEU B 90 32.37 -3.69 -28.16
CA LEU B 90 33.50 -2.77 -28.06
C LEU B 90 33.09 -1.37 -28.49
N GLN B 91 32.33 -1.29 -29.59
CA GLN B 91 31.84 -0.01 -30.11
C GLN B 91 31.03 0.72 -29.03
N ILE B 92 30.17 -0.04 -28.33
CA ILE B 92 29.22 0.53 -27.36
C ILE B 92 29.96 0.99 -26.10
N ARG B 93 31.01 0.26 -25.70
CA ARG B 93 31.68 0.51 -24.43
C ARG B 93 33.02 1.23 -24.63
N GLN B 94 33.24 1.72 -25.86
CA GLN B 94 34.50 2.35 -26.26
C GLN B 94 34.83 3.53 -25.34
N LYS B 95 33.84 4.39 -25.05
CA LYS B 95 34.10 5.66 -24.36
C LYS B 95 34.33 5.40 -22.86
N LYS B 96 33.55 4.48 -22.29
CA LYS B 96 33.64 4.15 -20.86
C LYS B 96 34.88 3.30 -20.58
N GLY B 97 35.37 2.62 -21.62
CA GLY B 97 36.60 1.84 -21.55
C GLY B 97 36.31 0.35 -21.49
N LEU B 98 36.58 -0.32 -22.61
CA LEU B 98 36.57 -1.76 -22.67
C LEU B 98 37.66 -2.21 -23.66
N THR B 99 38.51 -3.13 -23.20
CA THR B 99 39.60 -3.66 -24.02
C THR B 99 39.06 -4.79 -24.88
N PRO B 100 39.67 -5.04 -26.06
CA PRO B 100 39.33 -6.23 -26.85
C PRO B 100 39.35 -7.51 -26.01
N GLU B 101 40.36 -7.64 -25.13
CA GLU B 101 40.55 -8.84 -24.32
C GLU B 101 39.29 -9.09 -23.48
N LYS B 102 38.85 -8.08 -22.72
CA LYS B 102 37.72 -8.39 -21.82
C LYS B 102 36.40 -8.28 -22.58
N ALA B 103 36.35 -7.65 -23.75
CA ALA B 103 35.15 -7.75 -24.61
C ALA B 103 34.94 -9.22 -25.02
N ALA B 104 36.06 -9.92 -25.29
CA ALA B 104 36.03 -11.33 -25.70
C ALA B 104 35.53 -12.21 -24.55
N GLU B 105 35.79 -11.80 -23.29
CA GLU B 105 35.25 -12.48 -22.12
C GLU B 105 33.73 -12.23 -22.01
N LEU B 106 33.32 -10.96 -22.09
CA LEU B 106 31.94 -10.55 -21.79
C LEU B 106 30.96 -11.14 -22.82
N VAL B 107 31.40 -11.27 -24.08
CA VAL B 107 30.51 -11.73 -25.16
C VAL B 107 30.09 -13.19 -24.89
N GLU B 108 30.86 -13.91 -24.07
CA GLU B 108 30.58 -15.31 -23.75
C GLU B 108 29.68 -15.42 -22.50
N ASN B 109 29.35 -14.29 -21.87
CA ASN B 109 28.38 -14.25 -20.79
C ASN B 109 26.98 -14.33 -21.40
N PRO B 110 26.18 -15.39 -21.14
CA PRO B 110 24.87 -15.52 -21.78
C PRO B 110 23.93 -14.31 -21.68
N LEU B 111 23.99 -13.57 -20.56
CA LEU B 111 23.14 -12.40 -20.40
C LEU B 111 23.57 -11.30 -21.39
N TYR B 112 24.88 -11.08 -21.51
CA TYR B 112 25.42 -10.10 -22.48
C TYR B 112 25.13 -10.56 -23.91
N LEU B 113 25.39 -11.84 -24.21
CA LEU B 113 25.14 -12.38 -25.55
C LEU B 113 23.67 -12.17 -25.92
N GLY B 114 22.76 -12.52 -25.00
CA GLY B 114 21.33 -12.37 -25.22
C GLY B 114 20.95 -10.96 -25.64
N CYS B 115 21.49 -9.97 -24.91
CA CYS B 115 21.21 -8.57 -25.19
C CYS B 115 21.79 -8.16 -26.56
N LEU B 116 22.96 -8.70 -26.90
CA LEU B 116 23.60 -8.40 -28.19
C LEU B 116 22.81 -9.03 -29.35
N ILE B 117 22.18 -10.19 -29.13
CA ILE B 117 21.32 -10.82 -30.13
C ILE B 117 20.13 -9.90 -30.44
N VAL B 118 19.48 -9.39 -29.38
CA VAL B 118 18.32 -8.53 -29.55
C VAL B 118 18.75 -7.22 -30.22
N LYS B 119 19.83 -6.61 -29.71
CA LYS B 119 20.32 -5.32 -30.21
C LYS B 119 20.65 -5.42 -31.71
N SER B 120 21.14 -6.60 -32.13
CA SER B 120 21.57 -6.84 -33.51
C SER B 120 20.38 -7.13 -34.43
N GLY B 121 19.19 -7.28 -33.85
CA GLY B 121 17.98 -7.59 -34.61
C GLY B 121 17.82 -9.08 -34.92
N ASP B 122 18.59 -9.91 -34.22
CA ASP B 122 18.59 -11.37 -34.41
C ASP B 122 17.60 -12.01 -33.44
N ALA B 123 16.94 -11.20 -32.61
CA ALA B 123 15.76 -11.62 -31.86
C ALA B 123 14.92 -10.39 -31.51
N ASP B 124 13.70 -10.63 -31.01
CA ASP B 124 12.70 -9.58 -30.79
C ASP B 124 12.58 -9.21 -29.30
N GLY B 125 13.05 -10.08 -28.39
CA GLY B 125 12.96 -9.83 -26.96
C GLY B 125 13.74 -10.85 -26.17
N LEU B 126 13.98 -10.51 -24.89
CA LEU B 126 14.75 -11.34 -23.97
C LEU B 126 14.03 -11.43 -22.62
N ILE B 127 14.05 -12.62 -22.00
CA ILE B 127 13.61 -12.80 -20.62
C ILE B 127 14.67 -13.61 -19.90
N ALA B 128 14.92 -13.25 -18.64
CA ALA B 128 15.78 -13.98 -17.73
C ALA B 128 15.39 -13.60 -16.30
N GLY B 129 16.11 -14.13 -15.32
CA GLY B 129 15.91 -13.79 -13.91
C GLY B 129 15.40 -14.96 -13.07
N ALA B 130 15.14 -16.12 -13.68
CA ALA B 130 14.74 -17.30 -12.90
C ALA B 130 15.91 -17.78 -12.03
N GLN B 131 17.15 -17.63 -12.54
CA GLN B 131 18.36 -18.09 -11.82
C GLN B 131 19.45 -16.98 -11.81
N ASN B 132 19.04 -15.72 -11.97
CA ASN B 132 19.96 -14.60 -11.90
C ASN B 132 19.28 -13.49 -11.10
N THR B 133 20.08 -12.71 -10.38
CA THR B 133 19.58 -11.53 -9.67
C THR B 133 19.03 -10.54 -10.71
N THR B 134 18.10 -9.70 -10.27
CA THR B 134 17.56 -8.63 -11.10
C THR B 134 18.73 -7.76 -11.59
N GLY B 135 19.66 -7.41 -10.68
CA GLY B 135 20.82 -6.59 -10.99
C GLY B 135 21.63 -7.13 -12.16
N ASP B 136 21.86 -8.45 -12.16
CA ASP B 136 22.68 -9.12 -13.16
C ASP B 136 21.94 -9.19 -14.51
N VAL B 137 20.61 -9.25 -14.47
CA VAL B 137 19.81 -9.26 -15.70
C VAL B 137 19.82 -7.86 -16.33
N LEU B 138 19.61 -6.84 -15.49
CA LEU B 138 19.41 -5.47 -15.94
C LEU B 138 20.73 -4.83 -16.39
N ARG B 139 21.87 -5.23 -15.81
CA ARG B 139 23.13 -4.53 -16.08
C ARG B 139 23.47 -4.60 -17.56
N PRO B 140 23.59 -5.80 -18.19
CA PRO B 140 23.84 -5.87 -19.63
C PRO B 140 22.71 -5.27 -20.48
N ALA B 141 21.46 -5.39 -20.00
CA ALA B 141 20.31 -4.84 -20.71
C ALA B 141 20.48 -3.32 -20.86
N LEU B 142 20.82 -2.63 -19.77
CA LEU B 142 20.95 -1.17 -19.78
C LEU B 142 22.26 -0.75 -20.45
N GLN B 143 23.27 -1.63 -20.47
CA GLN B 143 24.56 -1.30 -21.09
C GLN B 143 24.47 -1.43 -22.62
N VAL B 144 23.75 -2.45 -23.10
CA VAL B 144 23.80 -2.84 -24.52
C VAL B 144 22.55 -2.37 -25.26
N ILE B 145 21.37 -2.69 -24.73
CA ILE B 145 20.11 -2.32 -25.37
C ILE B 145 19.75 -0.88 -25.04
N LYS B 146 19.89 -0.52 -23.76
CA LYS B 146 19.72 0.83 -23.19
C LYS B 146 18.23 1.16 -23.07
N THR B 147 17.98 2.32 -22.44
CA THR B 147 16.63 2.86 -22.26
C THR B 147 16.17 3.49 -23.59
N ALA B 148 14.85 3.54 -23.76
CA ALA B 148 14.21 4.09 -24.94
C ALA B 148 14.36 5.62 -24.92
N PRO B 149 14.16 6.30 -26.08
CA PRO B 149 14.31 7.75 -26.17
C PRO B 149 13.54 8.51 -25.09
N GLY B 150 14.24 9.41 -24.39
CA GLY B 150 13.64 10.26 -23.37
C GLY B 150 13.72 9.65 -21.98
N MET B 151 13.75 8.31 -21.90
CA MET B 151 13.65 7.61 -20.63
C MET B 151 15.05 7.52 -20.01
N THR B 152 15.12 7.86 -18.71
CA THR B 152 16.37 7.86 -17.96
C THR B 152 16.44 6.67 -16.99
N SER B 153 15.33 5.95 -16.86
N SER B 153 15.35 5.89 -16.92
CA SER B 153 15.25 4.73 -16.07
CA SER B 153 15.24 4.75 -16.05
C SER B 153 14.16 3.82 -16.64
C SER B 153 14.07 3.88 -16.49
N VAL B 154 14.14 2.59 -16.14
CA VAL B 154 13.07 1.65 -16.42
C VAL B 154 12.22 1.53 -15.15
N SER B 155 11.02 0.98 -15.31
CA SER B 155 10.10 0.77 -14.21
C SER B 155 9.33 -0.53 -14.45
N GLY B 156 8.68 -1.02 -13.41
CA GLY B 156 7.92 -2.25 -13.44
C GLY B 156 6.45 -2.02 -13.15
N THR B 157 5.58 -2.52 -14.03
CA THR B 157 4.14 -2.42 -13.87
C THR B 157 3.55 -3.82 -13.67
N PHE B 158 2.43 -3.89 -12.93
CA PHE B 158 1.65 -5.10 -12.82
C PHE B 158 0.27 -4.88 -13.42
N LEU B 159 -0.20 -5.92 -14.13
CA LEU B 159 -1.61 -6.11 -14.41
C LEU B 159 -2.27 -6.63 -13.12
N LEU B 160 -3.16 -5.83 -12.54
CA LEU B 160 -3.92 -6.24 -11.37
C LEU B 160 -5.34 -6.58 -11.80
N PHE B 161 -5.62 -7.88 -11.91
CA PHE B 161 -6.96 -8.37 -12.17
C PHE B 161 -7.70 -8.53 -10.84
N THR B 162 -8.48 -7.51 -10.46
CA THR B 162 -9.15 -7.46 -9.16
C THR B 162 -10.55 -8.09 -9.27
N LYS B 163 -11.14 -8.37 -8.11
CA LYS B 163 -12.50 -8.91 -8.01
C LYS B 163 -13.53 -7.77 -7.93
N ALA B 164 -13.08 -6.52 -8.08
CA ALA B 164 -13.96 -5.36 -8.09
C ALA B 164 -14.17 -4.89 -9.53
N LYS B 165 -15.08 -5.57 -10.24
CA LYS B 165 -15.28 -5.37 -11.68
C LYS B 165 -15.83 -3.96 -11.96
N GLU B 166 -16.34 -3.27 -10.93
CA GLU B 166 -16.88 -1.91 -11.07
C GLU B 166 -15.73 -0.89 -11.23
N TYR B 167 -14.48 -1.31 -11.03
CA TYR B 167 -13.31 -0.43 -11.15
C TYR B 167 -12.40 -0.89 -12.30
N GLY B 168 -11.60 0.06 -12.81
CA GLY B 168 -10.76 -0.17 -13.98
C GLY B 168 -11.56 -0.69 -15.17
N LYS B 169 -10.97 -1.62 -15.91
CA LYS B 169 -11.64 -2.27 -17.03
C LYS B 169 -12.01 -3.70 -16.61
N ASP B 170 -13.27 -3.88 -16.19
CA ASP B 170 -13.79 -5.16 -15.67
C ASP B 170 -12.86 -5.66 -14.56
N GLY B 171 -12.40 -4.75 -13.70
CA GLY B 171 -11.61 -5.09 -12.53
C GLY B 171 -10.11 -4.98 -12.76
N LEU B 172 -9.67 -4.80 -14.03
CA LEU B 172 -8.26 -4.70 -14.36
C LEU B 172 -7.80 -3.24 -14.26
N LEU B 173 -6.67 -3.04 -13.56
CA LEU B 173 -5.90 -1.80 -13.58
C LEU B 173 -4.44 -2.15 -13.82
N LEU B 174 -3.68 -1.21 -14.41
CA LEU B 174 -2.21 -1.26 -14.39
C LEU B 174 -1.73 -0.36 -13.25
N VAL B 175 -0.69 -0.82 -12.55
CA VAL B 175 -0.10 -0.08 -11.43
C VAL B 175 1.43 -0.09 -11.57
N ALA B 176 2.09 0.99 -11.16
CA ALA B 176 3.54 1.17 -11.29
C ALA B 176 3.98 2.33 -10.41
N ASP B 177 5.27 2.44 -10.05
CA ASP B 177 6.32 1.47 -10.31
C ASP B 177 6.41 0.54 -9.10
N CYS B 178 6.29 -0.77 -9.34
CA CYS B 178 6.19 -1.75 -8.26
C CYS B 178 7.48 -2.55 -8.08
N ALA B 179 8.56 -2.21 -8.83
CA ALA B 179 9.73 -3.08 -8.91
C ALA B 179 11.07 -2.34 -8.83
N VAL B 180 11.22 -1.17 -9.47
CA VAL B 180 12.56 -0.69 -9.83
C VAL B 180 13.04 0.48 -8.96
N ILE B 181 12.36 1.63 -8.99
CA ILE B 181 12.94 2.90 -8.53
C ILE B 181 12.48 3.20 -7.10
N PRO B 182 13.38 3.14 -6.09
CA PRO B 182 12.99 3.34 -4.69
C PRO B 182 12.21 4.63 -4.42
N ASN B 183 12.77 5.76 -4.86
CA ASN B 183 12.19 7.06 -4.58
C ASN B 183 12.29 7.93 -5.83
N PRO B 184 11.37 7.77 -6.79
CA PRO B 184 11.41 8.54 -8.03
C PRO B 184 11.46 10.05 -7.78
N THR B 185 12.29 10.76 -8.56
CA THR B 185 12.18 12.20 -8.68
C THR B 185 10.85 12.51 -9.37
N ALA B 186 10.44 13.78 -9.33
CA ALA B 186 9.24 14.20 -10.04
C ALA B 186 9.34 13.82 -11.53
N ASP B 187 10.51 14.06 -12.13
CA ASP B 187 10.74 13.73 -13.53
C ASP B 187 10.61 12.21 -13.75
N GLU B 188 11.24 11.42 -12.87
CA GLU B 188 11.18 9.96 -13.01
C GLU B 188 9.73 9.48 -12.87
N LEU B 189 9.00 10.10 -11.93
CA LEU B 189 7.61 9.73 -11.67
C LEU B 189 6.74 10.07 -12.89
N ALA B 190 7.01 11.21 -13.54
CA ALA B 190 6.29 11.59 -14.77
C ALA B 190 6.55 10.53 -15.86
N GLN B 191 7.81 10.12 -16.02
CA GLN B 191 8.19 9.07 -16.99
C GLN B 191 7.39 7.79 -16.71
N ILE B 192 7.30 7.40 -15.42
CA ILE B 192 6.55 6.21 -15.04
C ILE B 192 5.10 6.34 -15.51
N ALA B 193 4.48 7.50 -15.26
CA ALA B 193 3.07 7.70 -15.58
C ALA B 193 2.84 7.53 -17.08
N VAL B 194 3.69 8.19 -17.88
CA VAL B 194 3.54 8.15 -19.34
C VAL B 194 3.80 6.71 -19.83
N ALA B 195 4.88 6.08 -19.35
CA ALA B 195 5.26 4.73 -19.77
C ALA B 195 4.14 3.73 -19.45
N THR B 196 3.57 3.83 -18.23
CA THR B 196 2.50 2.93 -17.79
C THR B 196 1.24 3.12 -18.65
N ALA B 197 0.91 4.38 -18.97
CA ALA B 197 -0.22 4.69 -19.84
C ALA B 197 0.00 4.05 -21.23
N ARG B 198 1.21 4.19 -21.76
CA ARG B 198 1.55 3.64 -23.10
C ARG B 198 1.45 2.11 -23.08
N THR B 199 1.97 1.48 -22.01
CA THR B 199 1.88 0.04 -21.82
C THR B 199 0.40 -0.39 -21.75
N ALA B 200 -0.42 0.37 -21.01
CA ALA B 200 -1.84 0.08 -20.84
C ALA B 200 -2.54 0.04 -22.20
N LYS B 201 -2.26 1.03 -23.06
CA LYS B 201 -2.90 1.12 -24.38
C LYS B 201 -2.39 -0.01 -25.28
N ALA B 202 -1.06 -0.13 -25.36
CA ALA B 202 -0.36 -0.96 -26.33
C ALA B 202 -0.63 -2.45 -26.07
N ILE B 203 -0.58 -2.84 -24.79
CA ILE B 203 -0.55 -4.27 -24.41
C ILE B 203 -1.88 -4.71 -23.81
N ALA B 204 -2.55 -3.83 -23.04
CA ALA B 204 -3.69 -4.25 -22.22
C ALA B 204 -5.04 -3.80 -22.80
N ASP B 205 -5.00 -3.10 -23.94
CA ASP B 205 -6.20 -2.61 -24.61
C ASP B 205 -7.05 -1.77 -23.64
N ILE B 206 -6.37 -0.92 -22.86
CA ILE B 206 -7.01 0.02 -21.94
C ILE B 206 -6.87 1.43 -22.52
N GLU B 207 -7.94 2.21 -22.46
CA GLU B 207 -7.89 3.64 -22.72
C GLU B 207 -7.46 4.32 -21.43
N PRO B 208 -6.17 4.72 -21.27
CA PRO B 208 -5.66 5.10 -19.96
C PRO B 208 -6.34 6.32 -19.34
N ARG B 209 -6.62 6.22 -18.03
CA ARG B 209 -7.01 7.30 -17.17
C ARG B 209 -6.13 7.17 -15.93
N VAL B 210 -5.09 8.02 -15.87
CA VAL B 210 -3.93 7.84 -15.02
C VAL B 210 -4.04 8.70 -13.77
N ALA B 211 -4.07 8.06 -12.60
CA ALA B 211 -4.19 8.73 -11.30
C ALA B 211 -2.82 8.75 -10.62
N MET B 212 -2.31 9.95 -10.35
CA MET B 212 -1.08 10.15 -9.61
C MET B 212 -1.44 10.19 -8.12
N LEU B 213 -1.14 9.11 -7.40
CA LEU B 213 -1.69 8.88 -6.07
C LEU B 213 -0.83 9.55 -4.99
N SER B 214 -1.51 9.84 -3.88
CA SER B 214 -1.00 10.65 -2.81
C SER B 214 -1.88 10.38 -1.57
N PHE B 215 -1.46 10.89 -0.41
CA PHE B 215 -2.36 10.94 0.77
C PHE B 215 -3.20 12.22 0.76
N SER B 216 -2.92 13.09 -0.23
CA SER B 216 -3.63 14.33 -0.49
C SER B 216 -4.47 14.21 -1.76
N THR B 217 -5.59 14.95 -1.81
CA THR B 217 -6.33 15.16 -3.06
C THR B 217 -6.46 16.68 -3.32
N LYS B 218 -5.85 17.13 -4.42
CA LYS B 218 -5.96 18.51 -4.92
C LYS B 218 -5.78 19.52 -3.77
N GLY B 219 -4.71 19.34 -3.00
CA GLY B 219 -4.26 20.32 -2.02
C GLY B 219 -4.89 20.14 -0.65
N SER B 220 -5.58 19.01 -0.43
CA SER B 220 -6.26 18.72 0.84
C SER B 220 -5.25 18.50 1.97
N ALA B 221 -4.05 17.99 1.64
CA ALA B 221 -3.02 17.71 2.65
C ALA B 221 -1.64 18.04 2.07
N LYS B 222 -1.33 19.33 2.06
CA LYS B 222 -0.12 19.86 1.42
C LYS B 222 1.11 19.45 2.25
N HIS B 223 2.17 19.08 1.53
CA HIS B 223 3.38 18.51 2.09
C HIS B 223 4.42 18.41 0.97
N GLU B 224 5.71 18.36 1.32
CA GLU B 224 6.78 18.22 0.34
C GLU B 224 6.59 16.93 -0.47
N MET B 225 6.09 15.88 0.19
CA MET B 225 5.82 14.61 -0.49
C MET B 225 4.73 14.82 -1.54
N THR B 226 3.67 15.54 -1.14
CA THR B 226 2.53 15.84 -2.00
C THR B 226 2.99 16.71 -3.18
N ASP B 227 3.86 17.69 -2.91
CA ASP B 227 4.40 18.60 -3.94
C ASP B 227 5.04 17.80 -5.07
N LYS B 228 5.76 16.73 -4.74
CA LYS B 228 6.46 15.90 -5.73
C LYS B 228 5.45 15.31 -6.71
N VAL B 229 4.31 14.83 -6.20
CA VAL B 229 3.29 14.19 -7.02
C VAL B 229 2.63 15.26 -7.90
N VAL B 230 2.42 16.46 -7.34
CA VAL B 230 1.81 17.55 -8.08
C VAL B 230 2.70 17.91 -9.29
N GLU B 231 4.02 18.01 -9.05
CA GLU B 231 4.98 18.37 -10.09
C GLU B 231 5.04 17.26 -11.13
N ALA B 232 5.08 15.99 -10.68
CA ALA B 232 5.13 14.85 -11.57
C ALA B 232 3.91 14.86 -12.49
N THR B 233 2.74 15.23 -11.94
CA THR B 233 1.49 15.28 -12.69
C THR B 233 1.63 16.30 -13.83
N ARG B 234 2.11 17.51 -13.49
CA ARG B 234 2.26 18.57 -14.49
C ARG B 234 3.27 18.13 -15.54
N MET B 235 4.39 17.53 -15.11
CA MET B 235 5.47 17.15 -16.03
C MET B 235 4.98 16.04 -16.98
N ALA B 236 4.19 15.10 -16.47
CA ALA B 236 3.66 14.00 -17.29
C ALA B 236 2.71 14.56 -18.36
N GLN B 237 1.85 15.51 -17.96
CA GLN B 237 0.90 16.15 -18.87
C GLN B 237 1.65 16.89 -19.98
N GLU B 238 2.78 17.54 -19.64
CA GLU B 238 3.60 18.26 -20.64
C GLU B 238 4.24 17.24 -21.60
N MET B 239 4.71 16.12 -21.07
CA MET B 239 5.39 15.09 -21.86
C MET B 239 4.43 14.47 -22.88
N ALA B 240 3.19 14.23 -22.46
CA ALA B 240 2.19 13.49 -23.23
C ALA B 240 0.86 14.22 -23.20
N PRO B 241 0.70 15.29 -24.01
CA PRO B 241 -0.53 16.10 -24.02
C PRO B 241 -1.77 15.30 -24.46
N ASP B 242 -1.56 14.16 -25.11
CA ASP B 242 -2.64 13.28 -25.58
C ASP B 242 -3.28 12.50 -24.41
N LEU B 243 -2.55 12.29 -23.33
CA LEU B 243 -2.97 11.36 -22.27
C LEU B 243 -3.88 12.05 -21.26
N LEU B 244 -4.75 11.26 -20.64
CA LEU B 244 -5.59 11.69 -19.52
C LEU B 244 -4.88 11.32 -18.22
N ILE B 245 -4.23 12.33 -17.63
CA ILE B 245 -3.48 12.21 -16.37
C ILE B 245 -3.98 13.30 -15.42
N ASP B 246 -4.19 12.94 -14.15
CA ASP B 246 -4.57 13.92 -13.14
C ASP B 246 -3.99 13.50 -11.80
N GLY B 247 -3.92 14.47 -10.88
CA GLY B 247 -3.37 14.29 -9.56
C GLY B 247 -3.17 15.66 -8.90
N GLU B 248 -2.70 15.70 -7.66
CA GLU B 248 -2.52 14.51 -6.83
C GLU B 248 -3.90 14.06 -6.31
N MET B 249 -4.08 12.76 -6.10
CA MET B 249 -5.34 12.30 -5.55
C MET B 249 -5.14 11.01 -4.73
N GLN B 250 -5.99 10.89 -3.71
CA GLN B 250 -6.04 9.71 -2.87
C GLN B 250 -6.67 8.55 -3.67
N ALA B 251 -6.45 7.33 -3.17
CA ALA B 251 -6.89 6.12 -3.84
C ALA B 251 -8.42 6.09 -3.96
N ASP B 252 -9.13 6.61 -2.95
CA ASP B 252 -10.59 6.61 -3.00
C ASP B 252 -11.09 7.64 -4.02
N ALA B 253 -10.42 8.79 -4.12
CA ALA B 253 -10.77 9.77 -5.16
C ALA B 253 -10.51 9.18 -6.56
N ALA B 254 -9.49 8.34 -6.70
CA ALA B 254 -9.13 7.73 -7.98
C ALA B 254 -10.27 6.83 -8.46
N LEU B 255 -10.88 6.09 -7.53
CA LEU B 255 -11.77 4.96 -7.89
C LEU B 255 -13.26 5.29 -7.72
N VAL B 256 -13.61 6.16 -6.76
CA VAL B 256 -15.00 6.31 -6.31
C VAL B 256 -15.58 7.66 -6.80
N GLU B 257 -16.61 7.56 -7.66
CA GLU B 257 -17.21 8.73 -8.32
C GLU B 257 -17.72 9.72 -7.27
N ARG B 258 -18.42 9.24 -6.23
CA ARG B 258 -18.97 10.09 -5.15
C ARG B 258 -17.87 10.95 -4.51
N VAL B 259 -16.71 10.33 -4.24
CA VAL B 259 -15.57 10.98 -3.60
C VAL B 259 -14.94 11.98 -4.59
N ALA B 260 -14.78 11.52 -5.84
CA ALA B 260 -14.17 12.34 -6.90
C ALA B 260 -14.98 13.62 -7.13
N ALA B 261 -16.31 13.50 -7.11
CA ALA B 261 -17.21 14.63 -7.38
C ALA B 261 -17.00 15.75 -6.36
N LEU B 262 -16.64 15.38 -5.12
CA LEU B 262 -16.42 16.36 -4.05
C LEU B 262 -14.96 16.87 -4.07
N LYS B 263 -14.00 15.95 -4.19
CA LYS B 263 -12.58 16.26 -3.91
C LYS B 263 -11.82 16.70 -5.17
N ALA B 264 -12.28 16.28 -6.35
CA ALA B 264 -11.61 16.61 -7.62
C ALA B 264 -12.66 16.86 -8.71
N PRO B 265 -13.50 17.91 -8.56
CA PRO B 265 -14.57 18.17 -9.50
C PRO B 265 -14.06 18.39 -10.93
N GLY B 266 -14.76 17.79 -11.90
CA GLY B 266 -14.48 17.95 -13.31
C GLY B 266 -13.27 17.15 -13.80
N SER B 267 -12.63 16.38 -12.93
CA SER B 267 -11.46 15.58 -13.32
C SER B 267 -11.85 14.58 -14.41
N ASN B 268 -10.96 14.38 -15.39
CA ASN B 268 -11.18 13.38 -16.44
C ASN B 268 -10.61 12.02 -16.01
N VAL B 269 -10.09 11.93 -14.77
CA VAL B 269 -9.50 10.68 -14.26
C VAL B 269 -10.20 10.27 -12.94
N ALA B 270 -10.32 11.21 -12.00
CA ALA B 270 -10.83 10.91 -10.68
C ALA B 270 -12.23 10.30 -10.81
N GLY B 271 -12.42 9.19 -10.10
CA GLY B 271 -13.67 8.44 -10.13
C GLY B 271 -13.74 7.40 -11.22
N LYS B 272 -12.74 7.34 -12.11
CA LYS B 272 -12.73 6.29 -13.14
C LYS B 272 -11.29 5.92 -13.56
N ALA B 273 -10.35 5.99 -12.61
CA ALA B 273 -8.95 5.67 -12.87
C ALA B 273 -8.82 4.18 -13.24
N ASN B 274 -7.98 3.89 -14.24
CA ASN B 274 -7.63 2.49 -14.58
C ASN B 274 -6.10 2.26 -14.60
N VAL B 275 -5.33 3.32 -14.35
CA VAL B 275 -3.88 3.24 -14.19
C VAL B 275 -3.53 4.00 -12.91
N LEU B 276 -2.87 3.33 -11.96
CA LEU B 276 -2.47 3.94 -10.68
C LEU B 276 -0.95 4.08 -10.66
N VAL B 277 -0.48 5.31 -10.39
CA VAL B 277 0.92 5.64 -10.29
C VAL B 277 1.24 5.98 -8.84
N PHE B 278 2.11 5.16 -8.24
CA PHE B 278 2.49 5.26 -6.84
C PHE B 278 3.66 6.21 -6.71
N PRO B 279 3.75 7.02 -5.63
CA PRO B 279 4.83 8.00 -5.50
C PRO B 279 6.21 7.44 -5.12
N THR B 280 6.26 6.23 -4.54
CA THR B 280 7.51 5.56 -4.16
C THR B 280 7.37 4.05 -4.33
N LEU B 281 8.51 3.36 -4.28
CA LEU B 281 8.56 1.90 -4.38
C LEU B 281 8.01 1.26 -3.10
N GLU B 282 8.14 1.94 -1.96
CA GLU B 282 7.49 1.46 -0.73
C GLU B 282 5.98 1.37 -0.97
N VAL B 283 5.41 2.41 -1.58
CA VAL B 283 3.99 2.38 -1.87
C VAL B 283 3.70 1.26 -2.88
N GLY B 284 4.46 1.23 -3.97
CA GLY B 284 4.15 0.33 -5.08
C GLY B 284 4.27 -1.13 -4.70
N ASN B 285 5.39 -1.47 -4.05
CA ASN B 285 5.72 -2.85 -3.74
C ASN B 285 4.76 -3.39 -2.67
N ILE B 286 4.44 -2.56 -1.65
CA ILE B 286 3.53 -2.97 -0.57
C ILE B 286 2.09 -3.05 -1.11
N ALA B 287 1.63 -2.02 -1.83
CA ALA B 287 0.20 -1.91 -2.18
C ALA B 287 -0.23 -3.02 -3.16
N TYR B 288 0.56 -3.32 -4.20
CA TYR B 288 0.08 -4.33 -5.18
C TYR B 288 0.03 -5.70 -4.50
N LYS B 289 1.02 -5.98 -3.63
CA LYS B 289 1.11 -7.28 -2.94
C LYS B 289 -0.10 -7.43 -1.98
N LEU B 290 -0.46 -6.36 -1.27
CA LEU B 290 -1.60 -6.43 -0.36
C LEU B 290 -2.92 -6.57 -1.13
N VAL B 291 -3.06 -5.90 -2.28
CA VAL B 291 -4.27 -6.06 -3.10
C VAL B 291 -4.35 -7.51 -3.61
N GLU B 292 -3.20 -8.06 -4.01
CA GLU B 292 -3.12 -9.44 -4.46
C GLU B 292 -3.55 -10.39 -3.34
N ARG B 293 -2.89 -10.29 -2.17
CA ARG B 293 -3.02 -11.31 -1.12
C ARG B 293 -4.32 -11.08 -0.35
N LEU B 294 -4.54 -9.86 0.15
CA LEU B 294 -5.70 -9.58 1.00
C LEU B 294 -6.96 -9.36 0.16
N GLY B 295 -6.80 -8.97 -1.12
CA GLY B 295 -7.93 -8.68 -2.02
C GLY B 295 -8.28 -9.80 -2.99
N HIS B 296 -7.45 -10.85 -3.01
CA HIS B 296 -7.58 -11.99 -3.92
C HIS B 296 -7.50 -11.53 -5.38
N ALA B 297 -6.76 -10.46 -5.66
CA ALA B 297 -6.50 -10.06 -7.05
C ALA B 297 -5.42 -10.96 -7.64
N GLU B 298 -5.45 -11.16 -8.96
CA GLU B 298 -4.36 -11.81 -9.68
C GLU B 298 -3.42 -10.73 -10.21
N ALA B 299 -2.13 -10.83 -9.86
CA ALA B 299 -1.11 -9.86 -10.24
C ALA B 299 -0.14 -10.49 -11.24
N VAL B 300 -0.16 -9.98 -12.47
CA VAL B 300 0.71 -10.48 -13.54
C VAL B 300 1.81 -9.44 -13.80
N GLY B 301 3.07 -9.84 -13.62
CA GLY B 301 4.23 -8.94 -13.72
C GLY B 301 5.42 -9.46 -12.93
N PRO B 302 6.45 -8.63 -12.75
CA PRO B 302 6.51 -7.26 -13.25
C PRO B 302 6.73 -7.22 -14.77
N ILE B 303 6.10 -6.25 -15.43
CA ILE B 303 6.35 -5.93 -16.83
C ILE B 303 7.25 -4.69 -16.86
N LEU B 304 8.42 -4.83 -17.49
CA LEU B 304 9.42 -3.77 -17.55
C LEU B 304 9.02 -2.82 -18.69
N GLN B 305 9.17 -1.52 -18.40
CA GLN B 305 8.83 -0.43 -19.32
C GLN B 305 10.04 0.50 -19.41
N GLY B 306 10.26 1.09 -20.59
CA GLY B 306 11.29 2.11 -20.77
C GLY B 306 12.58 1.59 -21.42
N MET B 307 12.66 0.27 -21.68
CA MET B 307 13.82 -0.29 -22.41
C MET B 307 13.61 -0.05 -23.92
N ALA B 308 14.72 0.10 -24.65
CA ALA B 308 14.69 0.40 -26.09
C ALA B 308 14.18 -0.80 -26.89
N ALA B 309 14.35 -2.01 -26.34
CA ALA B 309 13.78 -3.24 -26.91
C ALA B 309 13.34 -4.13 -25.74
N PRO B 310 12.34 -5.01 -25.93
CA PRO B 310 11.70 -5.71 -24.80
C PRO B 310 12.61 -6.70 -24.06
N VAL B 311 12.78 -6.43 -22.77
CA VAL B 311 13.56 -7.21 -21.81
C VAL B 311 12.68 -7.32 -20.57
N ASN B 312 12.48 -8.54 -20.04
CA ASN B 312 11.76 -8.74 -18.79
C ASN B 312 12.59 -9.59 -17.84
N ASP B 313 12.40 -9.33 -16.54
CA ASP B 313 13.10 -9.96 -15.44
C ASP B 313 12.08 -10.72 -14.59
N LEU B 314 12.26 -12.04 -14.50
CA LEU B 314 11.43 -12.93 -13.69
C LEU B 314 11.91 -12.86 -12.23
N SER B 315 10.99 -13.23 -11.32
CA SER B 315 11.34 -13.53 -9.94
C SER B 315 12.10 -14.86 -9.91
N ARG B 316 13.08 -14.96 -9.00
CA ARG B 316 13.82 -16.21 -8.81
C ARG B 316 12.88 -17.28 -8.24
N GLY B 317 11.78 -16.86 -7.62
CA GLY B 317 10.76 -17.78 -7.10
C GLY B 317 9.64 -18.05 -8.10
N CYS B 318 9.83 -17.69 -9.37
CA CYS B 318 8.76 -17.76 -10.37
C CYS B 318 8.34 -19.22 -10.61
N SER B 319 7.10 -19.37 -11.06
CA SER B 319 6.52 -20.63 -11.53
C SER B 319 6.76 -20.78 -13.04
N VAL B 320 6.50 -21.98 -13.54
CA VAL B 320 6.58 -22.24 -14.98
C VAL B 320 5.56 -21.35 -15.71
N GLU B 321 4.35 -21.25 -15.15
CA GLU B 321 3.27 -20.46 -15.74
C GLU B 321 3.69 -18.98 -15.79
N ASP B 322 4.35 -18.49 -14.74
CA ASP B 322 4.86 -17.11 -14.69
C ASP B 322 5.75 -16.84 -15.92
N ILE B 323 6.64 -17.80 -16.23
CA ILE B 323 7.60 -17.66 -17.33
C ILE B 323 6.84 -17.68 -18.66
N TYR B 324 5.96 -18.66 -18.83
CA TYR B 324 5.13 -18.79 -20.03
C TYR B 324 4.43 -17.46 -20.33
N ARG B 325 3.77 -16.90 -19.30
CA ARG B 325 3.01 -15.67 -19.44
C ARG B 325 3.93 -14.51 -19.80
N MET B 326 5.05 -14.37 -19.12
CA MET B 326 5.92 -13.21 -19.32
C MET B 326 6.60 -13.27 -20.69
N VAL B 327 6.85 -14.49 -21.21
CA VAL B 327 7.37 -14.62 -22.57
C VAL B 327 6.34 -14.10 -23.57
N ALA B 328 5.07 -14.51 -23.40
CA ALA B 328 3.99 -14.06 -24.26
C ALA B 328 3.85 -12.53 -24.17
N ILE B 329 3.99 -11.97 -22.97
CA ILE B 329 3.89 -10.52 -22.79
C ILE B 329 5.04 -9.82 -23.51
N THR B 330 6.25 -10.39 -23.39
CA THR B 330 7.44 -9.84 -24.05
C THR B 330 7.19 -9.78 -25.57
N ALA B 331 6.61 -10.85 -26.10
CA ALA B 331 6.29 -10.95 -27.52
C ALA B 331 5.30 -9.84 -27.92
N ASN B 332 4.28 -9.61 -27.09
CA ASN B 332 3.27 -8.57 -27.32
C ASN B 332 3.92 -7.18 -27.32
N GLN B 333 4.90 -6.95 -26.43
CA GLN B 333 5.64 -5.67 -26.39
C GLN B 333 6.33 -5.44 -27.75
N ALA B 334 6.97 -6.50 -28.26
CA ALA B 334 7.67 -6.45 -29.54
C ALA B 334 6.67 -6.18 -30.69
N ILE B 335 5.55 -6.92 -30.69
CA ILE B 335 4.51 -6.78 -31.72
C ILE B 335 4.02 -5.33 -31.71
N ALA B 336 3.75 -4.79 -30.51
CA ALA B 336 3.23 -3.44 -30.35
C ALA B 336 4.22 -2.43 -30.94
N ALA B 337 5.51 -2.62 -30.64
CA ALA B 337 6.55 -1.70 -31.10
C ALA B 337 6.64 -1.69 -32.64
N LYS B 338 6.34 -2.84 -33.27
CA LYS B 338 6.44 -3.01 -34.72
C LYS B 338 5.21 -2.44 -35.45
N GLU B 339 4.06 -2.39 -34.77
CA GLU B 339 2.80 -1.94 -35.36
C GLU B 339 2.71 -0.42 -35.26
N GLN B 340 3.43 0.15 -34.29
CA GLN B 340 3.46 1.60 -34.04
C GLN B 340 4.66 2.21 -34.77
#